data_6Y01
#
_entry.id   6Y01
#
_cell.length_a   68.577
_cell.length_b   72.044
_cell.length_c   70.264
_cell.angle_alpha   90.000
_cell.angle_beta   113.333
_cell.angle_gamma   90.000
#
_symmetry.space_group_name_H-M   'P 1 21 1'
#
loop_
_entity.id
_entity.type
_entity.pdbx_description
1 polymer 'p450 cytochrome, putative'
2 non-polymer IMIDAZOLE
3 non-polymer 'CHLORIDE ION'
4 water water
#
_entity_poly.entity_id   1
_entity_poly.type   'polypeptide(L)'
_entity_poly.pdbx_seq_one_letter_code
;MRGSHHHHHHGSMRKPIIGVMGPGEQATPTDLKNAYQLGQLIALEGWVLLTGGRNVGVMEHASQGAKKAEGLTIGILPSK
NTHNVSDAVDIAIVTGLGNARNNINVLSSDVVIACGIGLGTLSEVALALKNQKPVILLNDDLLSQELFANLSNNQVWIAS
SPENCIELIKSIITVKLN
;
_entity_poly.pdbx_strand_id   AAA,BBB,CCC,DDD
#
loop_
_chem_comp.id
_chem_comp.type
_chem_comp.name
_chem_comp.formula
CL non-polymer 'CHLORIDE ION' 'Cl -1'
IMD non-polymer IMIDAZOLE 'C3 H5 N2 1'
#
# COMPACT_ATOMS: atom_id res chain seq x y z
N SER A 12 -9.15 24.60 -4.86
CA SER A 12 -9.79 23.79 -3.77
C SER A 12 -10.66 24.67 -2.88
N MET A 13 -11.91 24.25 -2.66
CA MET A 13 -12.81 24.86 -1.64
C MET A 13 -12.82 23.98 -0.39
N ARG A 14 -12.04 22.90 -0.35
CA ARG A 14 -12.00 21.99 0.79
C ARG A 14 -11.41 22.71 2.00
N LYS A 15 -11.87 22.31 3.16
CA LYS A 15 -11.27 22.77 4.42
C LYS A 15 -9.85 22.23 4.54
N PRO A 16 -8.96 23.02 5.16
CA PRO A 16 -7.65 22.53 5.54
C PRO A 16 -7.81 21.25 6.39
N ILE A 17 -6.91 20.28 6.11
CA ILE A 17 -6.77 19.04 6.91
C ILE A 17 -5.45 19.13 7.63
N ILE A 18 -5.53 19.06 8.95
CA ILE A 18 -4.31 19.11 9.78
C ILE A 18 -4.10 17.70 10.36
N GLY A 19 -2.93 17.12 10.05
CA GLY A 19 -2.57 15.79 10.53
C GLY A 19 -1.84 15.92 11.82
N VAL A 20 -2.41 15.39 12.92
CA VAL A 20 -1.75 15.39 14.21
C VAL A 20 -1.23 13.95 14.44
N MET A 21 0.09 13.86 14.44
CA MET A 21 0.83 12.62 14.62
C MET A 21 1.37 12.66 16.03
N GLY A 22 1.62 11.49 16.59
CA GLY A 22 2.25 11.40 17.90
C GLY A 22 2.11 10.00 18.44
N PRO A 23 2.75 9.77 19.60
CA PRO A 23 2.69 8.43 20.16
C PRO A 23 1.28 7.97 20.50
N GLY A 24 1.12 6.66 20.46
CA GLY A 24 -0.11 5.98 20.84
C GLY A 24 -0.05 5.57 22.27
N GLU A 25 0.13 4.27 22.48
CA GLU A 25 0.20 3.67 23.83
C GLU A 25 1.28 4.35 24.70
N GLN A 26 2.37 4.83 24.11
CA GLN A 26 3.51 5.39 24.86
C GLN A 26 3.35 6.90 25.14
N ALA A 27 2.23 7.52 24.72
CA ALA A 27 2.09 8.96 24.90
C ALA A 27 2.20 9.32 26.38
N THR A 28 2.87 10.41 26.67
CA THR A 28 3.00 10.90 28.05
C THR A 28 1.81 11.77 28.38
N PRO A 29 1.54 12.01 29.66
CA PRO A 29 0.44 12.91 30.05
C PRO A 29 0.57 14.30 29.43
N THR A 30 1.77 14.83 29.29
CA THR A 30 1.98 16.12 28.59
C THR A 30 1.59 16.02 27.13
N ASP A 31 1.91 14.93 26.46
CA ASP A 31 1.56 14.77 25.04
C ASP A 31 0.04 14.76 24.93
N LEU A 32 -0.65 14.12 25.85
CA LEU A 32 -2.11 13.95 25.77
C LEU A 32 -2.80 15.31 25.97
N LYS A 33 -2.33 16.09 26.93
CA LYS A 33 -2.88 17.45 27.17
C LYS A 33 -2.67 18.30 25.91
N ASN A 34 -1.47 18.29 25.35
CA ASN A 34 -1.17 19.03 24.15
C ASN A 34 -2.07 18.57 22.99
N ALA A 35 -2.23 17.28 22.84
CA ALA A 35 -3.02 16.70 21.75
C ALA A 35 -4.47 17.19 21.85
N TYR A 36 -5.04 17.11 23.03
CA TYR A 36 -6.44 17.51 23.23
C TYR A 36 -6.59 19.00 22.86
N GLN A 37 -5.69 19.82 23.32
CA GLN A 37 -5.75 21.27 23.04
C GLN A 37 -5.58 21.51 21.55
N LEU A 38 -4.67 20.81 20.88
CA LEU A 38 -4.50 20.95 19.43
C LEU A 38 -5.79 20.58 18.72
N GLY A 39 -6.35 19.44 19.05
CA GLY A 39 -7.62 19.01 18.43
C GLY A 39 -8.68 20.07 18.59
N GLN A 40 -8.82 20.57 19.79
CA GLN A 40 -9.85 21.59 20.04
C GLN A 40 -9.58 22.82 19.16
N LEU A 41 -8.36 23.31 19.12
CA LEU A 41 -8.03 24.53 18.34
C LEU A 41 -8.19 24.29 16.86
N ILE A 42 -7.83 23.12 16.33
CA ILE A 42 -8.03 22.79 14.92
C ILE A 42 -9.53 22.90 14.60
N ALA A 43 -10.35 22.31 15.42
CA ALA A 43 -11.80 22.33 15.19
C ALA A 43 -12.32 23.78 15.31
N LEU A 44 -11.82 24.54 16.27
CA LEU A 44 -12.33 25.94 16.45
C LEU A 44 -11.93 26.77 15.26
N GLU A 45 -10.87 26.45 14.53
CA GLU A 45 -10.52 27.12 13.28
C GLU A 45 -11.37 26.72 12.09
N GLY A 46 -12.26 25.75 12.25
CA GLY A 46 -13.08 25.22 11.17
C GLY A 46 -12.32 24.26 10.25
N TRP A 47 -11.23 23.70 10.79
CA TRP A 47 -10.36 22.79 10.01
C TRP A 47 -10.76 21.34 10.34
N VAL A 48 -10.31 20.43 9.49
CA VAL A 48 -10.54 18.99 9.68
C VAL A 48 -9.27 18.39 10.35
N LEU A 49 -9.53 17.56 11.37
CA LEU A 49 -8.42 16.84 12.04
C LEU A 49 -8.27 15.44 11.39
N LEU A 50 -7.03 15.14 11.07
CA LEU A 50 -6.68 13.75 10.66
C LEU A 50 -5.65 13.21 11.65
N THR A 51 -5.96 11.97 12.09
CA THR A 51 -5.00 11.23 12.92
C THR A 51 -5.01 9.78 12.42
N GLY A 52 -4.05 9.01 13.04
CA GLY A 52 -4.02 7.56 12.85
C GLY A 52 -5.19 6.81 13.43
N GLY A 53 -6.13 7.46 14.13
CA GLY A 53 -7.46 6.97 14.32
C GLY A 53 -7.78 6.07 15.47
N ARG A 54 -6.74 5.55 16.14
CA ARG A 54 -7.00 4.56 17.17
C ARG A 54 -7.38 5.19 18.50
N ASN A 55 -7.89 4.37 19.39
CA ASN A 55 -8.44 4.73 20.71
C ASN A 55 -7.36 4.85 21.80
N VAL A 56 -6.17 5.28 21.42
CA VAL A 56 -5.04 5.49 22.36
C VAL A 56 -4.29 6.75 22.03
N GLY A 57 -3.64 7.29 23.04
CA GLY A 57 -2.59 8.27 22.86
C GLY A 57 -3.06 9.57 22.19
N VAL A 58 -2.17 10.12 21.41
CA VAL A 58 -2.41 11.43 20.75
C VAL A 58 -3.59 11.28 19.82
N MET A 59 -3.77 10.18 19.13
CA MET A 59 -4.87 9.98 18.18
C MET A 59 -6.18 10.16 18.96
N GLU A 60 -6.34 9.49 20.07
CA GLU A 60 -7.57 9.51 20.88
C GLU A 60 -7.78 10.93 21.40
N HIS A 61 -6.76 11.51 21.98
CA HIS A 61 -6.96 12.78 22.71
C HIS A 61 -7.14 13.94 21.76
N ALA A 62 -6.43 13.97 20.66
CA ALA A 62 -6.66 15.00 19.64
C ALA A 62 -8.08 14.86 19.12
N SER A 63 -8.53 13.67 18.83
CA SER A 63 -9.88 13.45 18.28
C SER A 63 -10.91 13.91 19.30
N GLN A 64 -10.76 13.61 20.57
CA GLN A 64 -11.67 14.02 21.63
C GLN A 64 -11.70 15.56 21.70
N GLY A 65 -10.56 16.21 21.59
CA GLY A 65 -10.49 17.66 21.65
C GLY A 65 -11.26 18.25 20.48
N ALA A 66 -11.08 17.76 19.28
CA ALA A 66 -11.78 18.27 18.09
C ALA A 66 -13.27 18.03 18.27
N LYS A 67 -13.70 16.88 18.77
CA LYS A 67 -15.14 16.65 18.94
C LYS A 67 -15.74 17.58 20.00
N LYS A 68 -14.99 17.99 20.99
CA LYS A 68 -15.50 18.88 22.03
C LYS A 68 -15.90 20.21 21.36
N ALA A 69 -15.17 20.61 20.34
CA ALA A 69 -15.46 21.85 19.58
C ALA A 69 -16.27 21.56 18.31
N GLU A 70 -16.88 20.40 18.20
CA GLU A 70 -17.78 19.98 17.11
C GLU A 70 -17.08 20.00 15.75
N GLY A 71 -15.79 19.67 15.73
CA GLY A 71 -15.06 19.57 14.49
C GLY A 71 -15.21 18.19 13.86
N LEU A 72 -14.90 18.10 12.59
CA LEU A 72 -14.86 16.83 11.88
C LEU A 72 -13.52 16.16 12.06
N THR A 73 -13.58 14.85 12.36
CA THR A 73 -12.36 14.05 12.58
C THR A 73 -12.29 12.84 11.65
N ILE A 74 -11.11 12.68 11.08
CA ILE A 74 -10.81 11.56 10.17
C ILE A 74 -9.74 10.69 10.86
N GLY A 75 -9.97 9.37 10.83
CA GLY A 75 -8.94 8.42 11.33
C GLY A 75 -8.52 7.51 10.21
N ILE A 76 -7.21 7.36 10.07
CA ILE A 76 -6.62 6.50 9.01
C ILE A 76 -6.06 5.23 9.71
N LEU A 77 -6.86 4.21 9.70
CA LEU A 77 -6.55 3.02 10.54
C LEU A 77 -5.68 2.04 9.77
N PRO A 78 -4.68 1.44 10.50
CA PRO A 78 -3.75 0.48 9.88
C PRO A 78 -4.33 -0.92 9.71
N SER A 79 -5.30 -1.28 10.52
CA SER A 79 -5.85 -2.63 10.45
C SER A 79 -6.95 -2.77 9.40
N LYS A 80 -7.55 -3.94 9.27
CA LYS A 80 -8.51 -4.23 8.20
C LYS A 80 -9.95 -4.09 8.73
N ASN A 81 -10.13 -3.57 9.94
CA ASN A 81 -11.47 -3.30 10.45
C ASN A 81 -11.39 -2.12 11.43
N THR A 82 -12.53 -1.81 12.04
CA THR A 82 -12.65 -0.64 12.92
C THR A 82 -12.52 -0.99 14.41
N HIS A 83 -11.99 -2.16 14.74
CA HIS A 83 -12.04 -2.61 16.14
C HIS A 83 -11.35 -1.61 17.10
N ASN A 84 -10.30 -0.97 16.66
CA ASN A 84 -9.51 -0.12 17.58
C ASN A 84 -9.80 1.37 17.42
N VAL A 85 -10.84 1.71 16.67
CA VAL A 85 -11.06 3.13 16.33
C VAL A 85 -11.47 3.93 17.58
N SER A 86 -10.99 5.17 17.66
CA SER A 86 -11.45 6.09 18.68
C SER A 86 -12.96 6.36 18.50
N ASP A 87 -13.67 6.44 19.60
CA ASP A 87 -15.10 6.86 19.61
C ASP A 87 -15.25 8.31 19.10
N ALA A 88 -14.19 9.06 19.07
CA ALA A 88 -14.18 10.47 18.65
C ALA A 88 -13.80 10.65 17.19
N VAL A 89 -13.68 9.56 16.44
CA VAL A 89 -13.44 9.60 14.99
C VAL A 89 -14.77 9.55 14.26
N ASP A 90 -15.01 10.55 13.41
CA ASP A 90 -16.26 10.58 12.59
C ASP A 90 -16.18 9.68 11.37
N ILE A 91 -15.00 9.70 10.72
CA ILE A 91 -14.79 9.03 9.44
C ILE A 91 -13.61 8.09 9.64
N ALA A 92 -13.93 6.79 9.60
CA ALA A 92 -12.88 5.74 9.79
C ALA A 92 -12.47 5.22 8.43
N ILE A 93 -11.29 5.61 7.98
CA ILE A 93 -10.73 5.09 6.73
C ILE A 93 -9.91 3.84 7.13
N VAL A 94 -10.38 2.70 6.69
CA VAL A 94 -9.78 1.38 7.07
C VAL A 94 -8.87 1.00 5.91
N THR A 95 -7.56 0.88 6.22
CA THR A 95 -6.61 0.74 5.13
C THR A 95 -6.12 -0.71 4.96
N GLY A 96 -6.05 -1.50 6.03
CA GLY A 96 -5.39 -2.82 5.97
C GLY A 96 -3.94 -2.75 5.53
N LEU A 97 -3.25 -1.62 5.72
CA LEU A 97 -1.86 -1.43 5.23
C LEU A 97 -0.80 -1.52 6.34
N GLY A 98 -1.22 -1.65 7.57
CA GLY A 98 -0.24 -1.56 8.66
C GLY A 98 0.43 -0.19 8.68
N ASN A 99 1.72 -0.14 8.96
CA ASN A 99 2.41 1.14 9.09
C ASN A 99 2.62 1.80 7.73
N ALA A 100 2.33 1.13 6.61
CA ALA A 100 2.34 1.79 5.31
C ALA A 100 1.29 2.93 5.26
N ARG A 101 0.28 2.89 6.13
CA ARG A 101 -0.71 3.99 6.12
C ARG A 101 -0.08 5.28 6.53
N ASN A 102 1.09 5.28 7.16
CA ASN A 102 1.76 6.51 7.58
C ASN A 102 1.93 7.43 6.36
N ASN A 103 2.13 6.89 5.18
CA ASN A 103 2.36 7.72 3.99
C ASN A 103 1.03 8.40 3.60
N ILE A 104 -0.10 7.72 3.79
CA ILE A 104 -1.42 8.28 3.49
C ILE A 104 -1.65 9.43 4.47
N ASN A 105 -1.29 9.28 5.74
CA ASN A 105 -1.49 10.35 6.73
C ASN A 105 -0.83 11.60 6.25
N VAL A 106 0.41 11.54 5.76
CA VAL A 106 1.14 12.75 5.44
C VAL A 106 0.71 13.24 4.06
N LEU A 107 0.45 12.43 3.10
CA LEU A 107 0.01 12.90 1.78
C LEU A 107 -1.36 13.61 1.88
N SER A 108 -2.17 13.22 2.80
CA SER A 108 -3.54 13.74 2.97
C SER A 108 -3.60 15.05 3.75
N SER A 109 -2.56 15.40 4.45
CA SER A 109 -2.51 16.53 5.37
C SER A 109 -1.96 17.76 4.65
N ASP A 110 -2.56 18.91 4.94
CA ASP A 110 -2.00 20.18 4.42
C ASP A 110 -0.77 20.58 5.26
N VAL A 111 -0.86 20.34 6.58
CA VAL A 111 0.27 20.54 7.51
C VAL A 111 0.23 19.31 8.44
N VAL A 112 1.44 18.89 8.81
CA VAL A 112 1.61 17.76 9.75
C VAL A 112 2.19 18.34 11.05
N ILE A 113 1.56 18.00 12.17
CA ILE A 113 2.06 18.34 13.49
C ILE A 113 2.50 17.03 14.16
N ALA A 114 3.71 17.04 14.69
CA ALA A 114 4.19 15.92 15.52
C ALA A 114 4.05 16.36 16.99
N CYS A 115 3.09 15.78 17.68
CA CYS A 115 2.76 16.10 19.07
C CYS A 115 3.38 14.97 19.93
N GLY A 116 4.53 15.26 20.49
CA GLY A 116 5.33 14.21 21.16
C GLY A 116 6.19 13.49 20.12
N ILE A 117 6.86 12.44 20.57
CA ILE A 117 7.84 11.74 19.73
C ILE A 117 7.70 10.24 20.00
N GLY A 118 8.14 9.47 19.06
CA GLY A 118 8.23 8.02 19.12
C GLY A 118 8.67 7.58 17.75
N LEU A 119 8.89 6.28 17.58
CA LEU A 119 9.37 5.80 16.27
C LEU A 119 8.34 6.00 15.17
N GLY A 120 7.08 5.67 15.40
CA GLY A 120 6.09 5.86 14.33
C GLY A 120 5.97 7.34 13.95
N THR A 121 5.99 8.21 14.94
CA THR A 121 5.93 9.66 14.69
C THR A 121 7.14 10.12 13.89
N LEU A 122 8.34 9.63 14.26
CA LEU A 122 9.55 9.99 13.50
C LEU A 122 9.37 9.59 12.04
N SER A 123 8.86 8.39 11.77
CA SER A 123 8.68 7.92 10.39
C SER A 123 7.74 8.88 9.65
N GLU A 124 6.69 9.34 10.31
CA GLU A 124 5.71 10.26 9.66
C GLU A 124 6.34 11.64 9.39
N VAL A 125 7.11 12.15 10.33
CA VAL A 125 7.81 13.43 10.12
C VAL A 125 8.73 13.31 8.92
N ALA A 126 9.50 12.20 8.90
CA ALA A 126 10.45 12.02 7.82
C ALA A 126 9.73 11.92 6.46
N LEU A 127 8.66 11.15 6.41
CA LEU A 127 7.87 10.98 5.15
C LEU A 127 7.23 12.32 4.78
N ALA A 128 6.72 13.08 5.76
CA ALA A 128 6.11 14.40 5.45
C ALA A 128 7.16 15.27 4.81
N LEU A 129 8.36 15.35 5.38
CA LEU A 129 9.41 16.22 4.83
C LEU A 129 9.84 15.71 3.45
N LYS A 130 9.95 14.41 3.29
CA LYS A 130 10.35 13.87 1.97
C LYS A 130 9.28 14.17 0.91
N ASN A 131 8.00 14.15 1.32
CA ASN A 131 6.83 14.40 0.43
C ASN A 131 6.58 15.91 0.35
N GLN A 132 7.50 16.76 0.84
CA GLN A 132 7.51 18.23 0.68
C GLN A 132 6.32 18.88 1.43
N LYS A 133 5.90 18.30 2.52
CA LYS A 133 4.80 18.83 3.36
C LYS A 133 5.38 19.69 4.48
N PRO A 134 4.71 20.77 4.88
CA PRO A 134 5.08 21.52 6.06
C PRO A 134 4.88 20.71 7.35
N VAL A 135 5.90 20.76 8.22
CA VAL A 135 5.85 20.02 9.49
C VAL A 135 6.12 20.96 10.66
N ILE A 136 5.31 20.79 11.70
CA ILE A 136 5.47 21.51 12.97
C ILE A 136 5.76 20.47 14.05
N LEU A 137 6.84 20.69 14.79
CA LEU A 137 7.18 19.81 15.93
C LEU A 137 6.72 20.47 17.21
N LEU A 138 5.93 19.75 18.00
CA LEU A 138 5.52 20.19 19.36
C LEU A 138 5.96 19.09 20.34
N ASN A 139 7.23 19.15 20.75
CA ASN A 139 7.80 18.14 21.61
C ASN A 139 8.98 18.72 22.36
N ASP A 140 9.55 17.92 23.25
CA ASP A 140 10.69 18.32 24.08
C ASP A 140 11.89 17.46 23.71
N ASP A 141 12.02 17.09 22.43
CA ASP A 141 13.10 16.21 21.95
C ASP A 141 14.11 16.98 21.10
N LEU A 142 15.18 17.46 21.73
CA LEU A 142 16.14 18.36 21.07
C LEU A 142 16.85 17.63 19.92
N LEU A 143 17.15 16.32 20.08
CA LEU A 143 17.88 15.57 19.02
C LEU A 143 17.04 15.50 17.75
N SER A 144 15.76 15.11 17.83
CA SER A 144 14.91 15.04 16.61
C SER A 144 14.73 16.43 16.00
N GLN A 145 14.64 17.46 16.84
CA GLN A 145 14.47 18.85 16.33
C GLN A 145 15.70 19.25 15.51
N GLU A 146 16.90 19.01 16.07
CA GLU A 146 18.15 19.35 15.37
C GLU A 146 18.28 18.48 14.11
N LEU A 147 18.01 17.20 14.21
CA LEU A 147 18.19 16.28 13.04
C LEU A 147 17.28 16.72 11.91
N PHE A 148 15.99 16.96 12.18
CA PHE A 148 15.08 17.36 11.10
C PHE A 148 15.37 18.77 10.59
N ALA A 149 15.84 19.70 11.44
CA ALA A 149 16.28 21.03 10.97
C ALA A 149 17.42 20.85 9.97
N ASN A 150 18.36 19.95 10.29
CA ASN A 150 19.54 19.71 9.40
C ASN A 150 19.07 19.12 8.07
N LEU A 151 18.25 18.08 8.11
CA LEU A 151 17.84 17.33 6.91
C LEU A 151 16.88 18.12 6.06
N SER A 152 16.17 19.08 6.65
CA SER A 152 15.13 19.84 5.94
C SER A 152 15.68 21.21 5.55
N ASN A 153 16.98 21.46 5.78
CA ASN A 153 17.59 22.80 5.59
C ASN A 153 16.70 23.84 6.28
N ASN A 154 16.30 23.53 7.52
CA ASN A 154 15.57 24.42 8.42
C ASN A 154 14.17 24.79 7.88
N GLN A 155 13.55 23.91 7.12
CA GLN A 155 12.13 24.10 6.67
C GLN A 155 11.15 23.63 7.74
N VAL A 156 11.52 22.71 8.61
CA VAL A 156 10.64 22.26 9.71
C VAL A 156 10.45 23.44 10.67
N TRP A 157 9.29 23.47 11.30
N TRP A 157 9.29 23.48 11.31
CA TRP A 157 8.97 24.50 12.32
CA TRP A 157 8.96 24.50 12.31
C TRP A 157 8.93 23.86 13.69
C TRP A 157 8.93 23.86 13.69
N ILE A 158 9.40 24.58 14.69
CA ILE A 158 9.35 24.17 16.10
C ILE A 158 8.34 25.05 16.83
N ALA A 159 7.34 24.45 17.40
CA ALA A 159 6.29 25.19 18.12
C ALA A 159 6.54 25.14 19.61
N SER A 160 6.09 26.18 20.30
CA SER A 160 6.21 26.34 21.75
C SER A 160 4.94 25.92 22.50
N SER A 161 3.83 25.79 21.81
CA SER A 161 2.52 25.54 22.44
C SER A 161 1.53 25.15 21.35
N PRO A 162 0.36 24.59 21.72
CA PRO A 162 -0.70 24.37 20.76
C PRO A 162 -1.11 25.63 20.00
N GLU A 163 -1.28 26.74 20.71
CA GLU A 163 -1.61 28.01 20.03
C GLU A 163 -0.56 28.36 19.00
N ASN A 164 0.70 28.20 19.33
CA ASN A 164 1.80 28.52 18.38
C ASN A 164 1.69 27.66 17.13
N CYS A 165 1.32 26.37 17.28
CA CYS A 165 1.08 25.53 16.10
C CYS A 165 0.04 26.15 15.16
N ILE A 166 -1.06 26.65 15.75
CA ILE A 166 -2.14 27.23 14.92
C ILE A 166 -1.62 28.51 14.25
N GLU A 167 -0.86 29.32 14.97
CA GLU A 167 -0.28 30.57 14.38
C GLU A 167 0.57 30.20 13.17
N LEU A 168 1.40 29.16 13.33
CA LEU A 168 2.30 28.74 12.25
C LEU A 168 1.46 28.23 11.05
N ILE A 169 0.44 27.43 11.32
CA ILE A 169 -0.42 26.92 10.22
C ILE A 169 -1.03 28.10 9.45
N LYS A 170 -1.56 29.09 10.15
CA LYS A 170 -2.18 30.22 9.48
C LYS A 170 -1.17 30.92 8.56
N SER A 171 0.08 31.06 8.99
CA SER A 171 1.12 31.68 8.14
C SER A 171 1.39 30.80 6.92
N ILE A 172 1.42 29.47 7.11
CA ILE A 172 1.78 28.52 6.04
C ILE A 172 0.67 28.46 4.99
N ILE A 173 -0.58 28.30 5.44
CA ILE A 173 -1.66 28.05 4.47
C ILE A 173 -2.04 29.37 3.80
N THR A 174 -1.64 30.53 4.35
CA THR A 174 -1.77 31.85 3.67
C THR A 174 -0.93 31.92 2.36
N VAL A 175 0.28 31.34 2.38
CA VAL A 175 1.22 31.29 1.23
C VAL A 175 1.37 29.84 0.76
N SER B 12 12.98 -21.81 8.70
CA SER B 12 13.18 -21.28 7.29
C SER B 12 14.53 -21.72 6.75
N MET B 13 14.52 -22.27 5.53
CA MET B 13 15.73 -22.62 4.77
C MET B 13 16.06 -21.52 3.77
N ARG B 14 15.30 -20.40 3.77
N ARG B 14 15.32 -20.40 3.78
CA ARG B 14 15.56 -19.28 2.86
CA ARG B 14 15.57 -19.29 2.86
C ARG B 14 16.87 -18.62 3.28
C ARG B 14 16.87 -18.61 3.29
N LYS B 15 17.57 -18.05 2.31
CA LYS B 15 18.74 -17.26 2.57
C LYS B 15 18.35 -16.01 3.36
N PRO B 16 19.20 -15.55 4.28
CA PRO B 16 19.05 -14.22 4.88
C PRO B 16 18.92 -13.15 3.79
N ILE B 17 17.98 -12.22 4.02
CA ILE B 17 17.80 -11.04 3.18
C ILE B 17 18.27 -9.84 4.01
N ILE B 18 19.27 -9.14 3.51
CA ILE B 18 19.85 -7.97 4.19
C ILE B 18 19.38 -6.74 3.40
N GLY B 19 18.61 -5.87 4.06
CA GLY B 19 18.13 -4.63 3.44
C GLY B 19 19.13 -3.54 3.67
N VAL B 20 19.70 -2.99 2.58
CA VAL B 20 20.59 -1.83 2.68
C VAL B 20 19.82 -0.60 2.23
N MET B 21 19.60 0.27 3.18
CA MET B 21 18.88 1.54 3.04
C MET B 21 19.92 2.63 3.06
N GLY B 22 19.61 3.76 2.47
CA GLY B 22 20.48 4.91 2.55
C GLY B 22 20.05 5.94 1.53
N PRO B 23 20.72 7.10 1.54
CA PRO B 23 20.38 8.14 0.61
C PRO B 23 20.53 7.75 -0.82
N GLY B 24 19.68 8.34 -1.65
CA GLY B 24 19.69 8.18 -3.08
C GLY B 24 20.48 9.30 -3.68
N GLU B 25 19.78 10.26 -4.27
CA GLU B 25 20.39 11.40 -4.95
C GLU B 25 21.42 12.12 -4.06
N GLN B 26 21.19 12.19 -2.74
N GLN B 26 21.19 12.20 -2.74
CA GLN B 26 22.04 13.00 -1.83
CA GLN B 26 22.07 13.01 -1.85
C GLN B 26 23.19 12.18 -1.22
C GLN B 26 23.20 12.17 -1.22
N ALA B 27 23.39 10.92 -1.63
CA ALA B 27 24.41 10.09 -1.01
C ALA B 27 25.78 10.74 -1.12
N THR B 28 26.56 10.69 -0.07
CA THR B 28 27.95 11.22 -0.06
C THR B 28 28.88 10.18 -0.68
N PRO B 29 30.08 10.58 -1.11
CA PRO B 29 31.08 9.64 -1.60
C PRO B 29 31.36 8.50 -0.62
N THR B 30 31.42 8.78 0.66
CA THR B 30 31.63 7.78 1.72
C THR B 30 30.47 6.81 1.75
N ASP B 31 29.23 7.32 1.63
CA ASP B 31 28.06 6.43 1.63
C ASP B 31 28.15 5.47 0.46
N LEU B 32 28.56 5.95 -0.70
CA LEU B 32 28.56 5.14 -1.92
C LEU B 32 29.66 4.07 -1.81
N LYS B 33 30.82 4.45 -1.30
CA LYS B 33 31.94 3.49 -1.11
C LYS B 33 31.48 2.40 -0.12
N ASN B 34 30.86 2.83 0.99
CA ASN B 34 30.40 1.87 1.99
C ASN B 34 29.34 0.96 1.39
N ALA B 35 28.41 1.54 0.63
CA ALA B 35 27.32 0.75 0.04
C ALA B 35 27.88 -0.33 -0.87
N TYR B 36 28.79 0.05 -1.75
CA TYR B 36 29.38 -0.91 -2.70
C TYR B 36 30.06 -2.06 -1.97
N GLN B 37 30.85 -1.72 -0.96
CA GLN B 37 31.55 -2.72 -0.15
C GLN B 37 30.54 -3.62 0.58
N LEU B 38 29.48 -3.02 1.15
CA LEU B 38 28.43 -3.82 1.81
C LEU B 38 27.82 -4.81 0.83
N GLY B 39 27.47 -4.34 -0.37
CA GLY B 39 26.86 -5.21 -1.35
C GLY B 39 27.78 -6.42 -1.64
N GLN B 40 29.03 -6.11 -1.89
CA GLN B 40 30.02 -7.21 -2.16
C GLN B 40 30.05 -8.19 -0.98
N LEU B 41 30.15 -7.69 0.24
CA LEU B 41 30.33 -8.56 1.41
C LEU B 41 29.07 -9.39 1.66
N ILE B 42 27.89 -8.79 1.50
CA ILE B 42 26.65 -9.55 1.66
C ILE B 42 26.61 -10.73 0.65
N ALA B 43 26.91 -10.44 -0.60
CA ALA B 43 26.91 -11.46 -1.66
C ALA B 43 27.98 -12.54 -1.35
N LEU B 44 29.12 -12.12 -0.83
CA LEU B 44 30.18 -13.15 -0.56
C LEU B 44 29.73 -14.11 0.54
N GLU B 45 28.84 -13.72 1.41
CA GLU B 45 28.24 -14.59 2.45
C GLU B 45 27.16 -15.51 1.89
N GLY B 46 26.77 -15.35 0.62
CA GLY B 46 25.64 -16.08 0.04
C GLY B 46 24.29 -15.54 0.51
N TRP B 47 24.28 -14.30 0.99
CA TRP B 47 23.03 -13.65 1.45
C TRP B 47 22.40 -12.91 0.27
N VAL B 48 21.12 -12.61 0.40
CA VAL B 48 20.39 -11.83 -0.62
C VAL B 48 20.40 -10.36 -0.20
N LEU B 49 20.68 -9.48 -1.16
CA LEU B 49 20.58 -8.02 -0.93
C LEU B 49 19.22 -7.51 -1.37
N LEU B 50 18.62 -6.74 -0.48
CA LEU B 50 17.38 -5.98 -0.81
C LEU B 50 17.70 -4.52 -0.70
N THR B 51 17.26 -3.76 -1.72
CA THR B 51 17.33 -2.30 -1.63
C THR B 51 16.01 -1.72 -2.20
N GLY B 52 15.92 -0.41 -2.10
CA GLY B 52 14.84 0.35 -2.74
C GLY B 52 14.94 0.37 -4.26
N GLY B 53 15.97 -0.22 -4.86
CA GLY B 53 15.93 -0.65 -6.26
C GLY B 53 16.31 0.34 -7.32
N ARG B 54 16.36 1.63 -6.99
CA ARG B 54 16.56 2.64 -8.02
C ARG B 54 18.03 2.80 -8.38
N ASN B 55 18.25 3.46 -9.50
CA ASN B 55 19.53 3.68 -10.16
C ASN B 55 20.33 4.86 -9.57
N VAL B 56 20.15 5.11 -8.28
CA VAL B 56 20.84 6.23 -7.61
C VAL B 56 21.37 5.79 -6.25
N GLY B 57 22.44 6.43 -5.84
CA GLY B 57 22.88 6.46 -4.47
C GLY B 57 23.21 5.07 -3.92
N VAL B 58 22.84 4.87 -2.67
CA VAL B 58 23.19 3.63 -1.96
C VAL B 58 22.52 2.45 -2.66
N MET B 59 21.30 2.59 -3.14
CA MET B 59 20.59 1.47 -3.80
C MET B 59 21.43 0.97 -4.98
N GLU B 60 21.88 1.88 -5.83
CA GLU B 60 22.61 1.58 -7.06
C GLU B 60 23.94 0.93 -6.65
N HIS B 61 24.66 1.57 -5.72
CA HIS B 61 26.05 1.13 -5.45
C HIS B 61 26.04 -0.18 -4.67
N ALA B 62 25.15 -0.36 -3.72
CA ALA B 62 25.04 -1.66 -3.03
C ALA B 62 24.69 -2.76 -4.04
N SER B 63 23.76 -2.50 -4.94
CA SER B 63 23.37 -3.51 -5.93
C SER B 63 24.57 -3.87 -6.82
N GLN B 64 25.31 -2.88 -7.26
CA GLN B 64 26.48 -3.12 -8.13
C GLN B 64 27.51 -3.94 -7.35
N GLY B 65 27.71 -3.64 -6.07
CA GLY B 65 28.70 -4.41 -5.29
C GLY B 65 28.28 -5.87 -5.18
N ALA B 66 27.02 -6.14 -4.91
CA ALA B 66 26.49 -7.50 -4.83
C ALA B 66 26.65 -8.22 -6.15
N LYS B 67 26.36 -7.55 -7.25
CA LYS B 67 26.51 -8.21 -8.57
C LYS B 67 27.99 -8.51 -8.87
N LYS B 68 28.91 -7.66 -8.42
CA LYS B 68 30.34 -7.91 -8.65
C LYS B 68 30.72 -9.25 -8.00
N ALA B 69 30.09 -9.57 -6.90
CA ALA B 69 30.32 -10.84 -6.17
C ALA B 69 29.28 -11.91 -6.50
N GLU B 70 28.54 -11.75 -7.59
CA GLU B 70 27.56 -12.72 -8.13
C GLU B 70 26.47 -13.06 -7.12
N GLY B 71 26.07 -12.10 -6.31
CA GLY B 71 24.94 -12.28 -5.39
C GLY B 71 23.62 -11.93 -6.07
N LEU B 72 22.54 -12.40 -5.47
CA LEU B 72 21.17 -12.09 -5.88
C LEU B 72 20.76 -10.76 -5.27
N THR B 73 20.17 -9.92 -6.09
CA THR B 73 19.69 -8.58 -5.66
C THR B 73 18.20 -8.44 -5.93
N ILE B 74 17.51 -7.89 -4.94
CA ILE B 74 16.07 -7.58 -4.99
C ILE B 74 15.95 -6.05 -4.89
N GLY B 75 15.12 -5.48 -5.77
CA GLY B 75 14.84 -4.03 -5.69
C GLY B 75 13.34 -3.87 -5.46
N ILE B 76 12.97 -3.05 -4.48
CA ILE B 76 11.55 -2.80 -4.16
C ILE B 76 11.22 -1.35 -4.63
N LEU B 77 10.70 -1.27 -5.85
CA LEU B 77 10.55 0.05 -6.51
C LEU B 77 9.27 0.75 -6.10
N PRO B 78 9.35 2.08 -5.88
CA PRO B 78 8.16 2.85 -5.47
C PRO B 78 7.23 3.19 -6.64
N SER B 79 7.73 3.24 -7.85
CA SER B 79 6.87 3.67 -8.97
C SER B 79 6.13 2.49 -9.57
N LYS B 80 5.36 2.71 -10.64
CA LYS B 80 4.47 1.73 -11.22
C LYS B 80 5.11 1.01 -12.40
N ASN B 81 6.40 1.25 -12.63
CA ASN B 81 7.12 0.50 -13.68
C ASN B 81 8.60 0.48 -13.32
N THR B 82 9.41 -0.08 -14.21
CA THR B 82 10.85 -0.29 -13.95
C THR B 82 11.72 0.81 -14.55
N HIS B 83 11.14 1.96 -14.91
CA HIS B 83 11.92 3.03 -15.57
C HIS B 83 13.22 3.35 -14.81
N ASN B 84 13.15 3.38 -13.50
CA ASN B 84 14.28 3.91 -12.68
C ASN B 84 15.15 2.82 -12.06
N VAL B 85 14.90 1.58 -12.47
CA VAL B 85 15.57 0.47 -11.79
C VAL B 85 17.07 0.48 -12.05
N SER B 86 17.84 0.10 -11.01
CA SER B 86 19.27 -0.19 -11.23
C SER B 86 19.44 -1.39 -12.18
N ASP B 87 20.41 -1.31 -13.06
CA ASP B 87 20.82 -2.41 -13.96
C ASP B 87 21.36 -3.58 -13.13
N ALA B 88 21.71 -3.36 -11.88
CA ALA B 88 22.29 -4.40 -11.01
C ALA B 88 21.22 -5.06 -10.14
N VAL B 89 19.94 -4.77 -10.36
CA VAL B 89 18.84 -5.48 -9.68
C VAL B 89 18.42 -6.69 -10.50
N ASP B 90 18.41 -7.87 -9.87
CA ASP B 90 17.97 -9.12 -10.55
C ASP B 90 16.46 -9.24 -10.55
N ILE B 91 15.85 -8.91 -9.42
CA ILE B 91 14.38 -9.09 -9.23
C ILE B 91 13.81 -7.72 -8.88
N ALA B 92 13.04 -7.20 -9.83
CA ALA B 92 12.46 -5.83 -9.70
C ALA B 92 11.01 -6.01 -9.24
N ILE B 93 10.77 -5.73 -7.99
CA ILE B 93 9.42 -5.73 -7.40
C ILE B 93 8.88 -4.31 -7.61
N VAL B 94 7.87 -4.22 -8.45
CA VAL B 94 7.26 -2.92 -8.83
C VAL B 94 6.05 -2.74 -7.94
N THR B 95 6.06 -1.70 -7.09
CA THR B 95 4.99 -1.64 -6.09
C THR B 95 3.88 -0.64 -6.47
N GLY B 96 4.24 0.46 -7.14
CA GLY B 96 3.26 1.55 -7.36
C GLY B 96 2.80 2.17 -6.07
N LEU B 97 3.55 2.07 -4.97
CA LEU B 97 3.12 2.54 -3.63
C LEU B 97 3.78 3.86 -3.20
N GLY B 98 4.71 4.35 -4.00
CA GLY B 98 5.49 5.51 -3.56
C GLY B 98 6.25 5.17 -2.29
N ASN B 99 6.38 6.11 -1.38
CA ASN B 99 7.16 5.93 -0.16
C ASN B 99 6.50 4.94 0.79
N ALA B 100 5.29 4.51 0.54
CA ALA B 100 4.69 3.44 1.37
C ALA B 100 5.48 2.13 1.20
N ARG B 101 6.23 2.00 0.11
CA ARG B 101 7.03 0.77 -0.05
C ARG B 101 8.08 0.67 1.02
N ASN B 102 8.43 1.72 1.73
CA ASN B 102 9.47 1.67 2.76
C ASN B 102 9.09 0.59 3.79
N ASN B 103 7.80 0.38 4.05
CA ASN B 103 7.39 -0.64 5.04
C ASN B 103 7.69 -2.04 4.48
N ILE B 104 7.56 -2.25 3.21
CA ILE B 104 7.85 -3.54 2.58
C ILE B 104 9.36 -3.79 2.72
N ASN B 105 10.18 -2.78 2.51
CA ASN B 105 11.64 -2.97 2.64
C ASN B 105 11.96 -3.49 4.01
N VAL B 106 11.37 -2.96 5.06
CA VAL B 106 11.79 -3.32 6.41
C VAL B 106 11.12 -4.64 6.80
N LEU B 107 9.87 -4.90 6.42
CA LEU B 107 9.21 -6.17 6.77
C LEU B 107 9.94 -7.34 6.10
N SER B 108 10.48 -7.12 4.94
CA SER B 108 11.09 -8.19 4.10
C SER B 108 12.53 -8.50 4.49
N SER B 109 13.15 -7.63 5.25
CA SER B 109 14.58 -7.78 5.60
C SER B 109 14.71 -8.52 6.91
N ASP B 110 15.73 -9.41 6.99
CA ASP B 110 16.08 -10.01 8.29
C ASP B 110 16.86 -9.03 9.15
N VAL B 111 17.70 -8.21 8.52
CA VAL B 111 18.48 -7.16 9.17
C VAL B 111 18.40 -5.98 8.19
N VAL B 112 18.29 -4.81 8.77
CA VAL B 112 18.28 -3.54 8.01
C VAL B 112 19.58 -2.81 8.34
N ILE B 113 20.31 -2.42 7.29
CA ILE B 113 21.49 -1.56 7.44
C ILE B 113 21.14 -0.21 6.84
N ALA B 114 21.36 0.83 7.63
CA ALA B 114 21.21 2.20 7.15
C ALA B 114 22.61 2.72 6.88
N CYS B 115 22.90 2.86 5.60
CA CYS B 115 24.22 3.28 5.09
C CYS B 115 24.10 4.77 4.71
N GLY B 116 24.49 5.63 5.62
CA GLY B 116 24.22 7.07 5.52
C GLY B 116 22.84 7.44 6.03
N ILE B 117 22.55 8.72 5.93
CA ILE B 117 21.31 9.27 6.50
C ILE B 117 20.66 10.24 5.52
N GLY B 118 19.36 10.21 5.53
CA GLY B 118 18.49 11.11 4.75
C GLY B 118 17.09 10.80 5.19
N LEU B 119 16.12 11.55 4.66
CA LEU B 119 14.75 11.45 5.22
C LEU B 119 14.12 10.09 4.96
N GLY B 120 14.26 9.55 3.74
CA GLY B 120 13.65 8.23 3.47
C GLY B 120 14.30 7.18 4.36
N THR B 121 15.60 7.26 4.52
CA THR B 121 16.34 6.32 5.38
C THR B 121 15.88 6.41 6.82
N LEU B 122 15.66 7.63 7.32
CA LEU B 122 15.17 7.80 8.70
C LEU B 122 13.82 7.10 8.84
N SER B 123 12.94 7.24 7.85
CA SER B 123 11.61 6.59 7.92
C SER B 123 11.80 5.08 8.01
N GLU B 124 12.73 4.52 7.23
CA GLU B 124 12.91 3.05 7.24
C GLU B 124 13.52 2.57 8.56
N VAL B 125 14.49 3.28 9.08
CA VAL B 125 15.08 2.95 10.38
C VAL B 125 14.00 2.96 11.44
N ALA B 126 13.18 4.03 11.44
CA ALA B 126 12.16 4.15 12.47
C ALA B 126 11.17 3.01 12.35
N LEU B 127 10.69 2.72 11.14
CA LEU B 127 9.71 1.61 10.95
C LEU B 127 10.35 0.25 11.34
N ALA B 128 11.59 0.03 10.96
CA ALA B 128 12.27 -1.23 11.30
C ALA B 128 12.32 -1.37 12.82
N LEU B 129 12.77 -0.31 13.53
CA LEU B 129 12.88 -0.39 14.98
C LEU B 129 11.52 -0.57 15.63
N LYS B 130 10.49 0.09 15.09
CA LYS B 130 9.15 -0.04 15.66
C LYS B 130 8.69 -1.50 15.58
N ASN B 131 9.07 -2.19 14.50
CA ASN B 131 8.76 -3.63 14.31
C ASN B 131 9.72 -4.55 15.04
N GLN B 132 10.69 -4.01 15.78
CA GLN B 132 11.74 -4.78 16.51
C GLN B 132 12.51 -5.63 15.48
N LYS B 133 12.68 -5.10 14.27
CA LYS B 133 13.64 -5.66 13.30
C LYS B 133 15.01 -5.18 13.71
N PRO B 134 16.06 -6.03 13.61
CA PRO B 134 17.42 -5.60 13.84
C PRO B 134 17.85 -4.53 12.84
N VAL B 135 18.45 -3.47 13.36
CA VAL B 135 18.96 -2.35 12.55
C VAL B 135 20.40 -2.07 12.92
N ILE B 136 21.19 -1.89 11.88
CA ILE B 136 22.60 -1.48 12.00
C ILE B 136 22.73 -0.12 11.32
N LEU B 137 23.29 0.83 12.04
CA LEU B 137 23.64 2.14 11.44
C LEU B 137 25.11 2.17 11.03
N LEU B 138 25.35 2.55 9.80
CA LEU B 138 26.70 2.79 9.28
C LEU B 138 26.73 4.22 8.73
N ASN B 139 27.12 5.14 9.61
CA ASN B 139 27.15 6.56 9.23
C ASN B 139 28.11 7.30 10.13
N ASP B 140 28.32 8.57 9.81
CA ASP B 140 29.24 9.45 10.56
C ASP B 140 28.42 10.57 11.19
N ASP B 141 27.17 10.29 11.56
CA ASP B 141 26.23 11.29 12.09
C ASP B 141 25.92 10.93 13.54
N LEU B 142 26.64 11.54 14.48
CA LEU B 142 26.49 11.16 15.90
C LEU B 142 25.11 11.53 16.42
N LEU B 143 24.46 12.57 15.88
CA LEU B 143 23.08 12.96 16.23
C LEU B 143 22.11 11.80 16.01
N SER B 144 22.11 11.24 14.78
CA SER B 144 21.24 10.11 14.41
C SER B 144 21.52 8.89 15.28
N GLN B 145 22.80 8.66 15.61
CA GLN B 145 23.19 7.46 16.40
C GLN B 145 22.59 7.63 17.80
N GLU B 146 22.76 8.82 18.39
CA GLU B 146 22.24 9.08 19.75
C GLU B 146 20.70 9.02 19.74
N LEU B 147 20.09 9.61 18.75
CA LEU B 147 18.61 9.63 18.69
C LEU B 147 18.04 8.20 18.60
N PHE B 148 18.58 7.38 17.70
CA PHE B 148 18.04 6.01 17.55
C PHE B 148 18.43 5.14 18.74
N ALA B 149 19.58 5.34 19.35
CA ALA B 149 19.91 4.59 20.58
C ALA B 149 18.85 4.90 21.65
N ASN B 150 18.50 6.18 21.79
CA ASN B 150 17.50 6.58 22.81
C ASN B 150 16.12 5.97 22.47
N LEU B 151 15.66 6.15 21.23
CA LEU B 151 14.29 5.73 20.87
C LEU B 151 14.16 4.22 20.77
N SER B 152 15.29 3.50 20.65
CA SER B 152 15.23 2.04 20.51
C SER B 152 15.61 1.37 21.81
N ASN B 153 15.78 2.15 22.89
CA ASN B 153 16.31 1.60 24.16
C ASN B 153 17.56 0.81 23.90
N ASN B 154 18.45 1.38 23.09
CA ASN B 154 19.82 0.85 22.82
C ASN B 154 19.77 -0.49 22.10
N GLN B 155 18.69 -0.78 21.36
CA GLN B 155 18.59 -2.02 20.57
C GLN B 155 19.22 -1.87 19.21
N VAL B 156 19.29 -0.69 18.67
CA VAL B 156 19.98 -0.40 17.39
C VAL B 156 21.45 -0.76 17.58
N TRP B 157 22.07 -1.20 16.52
CA TRP B 157 23.51 -1.39 16.45
C TRP B 157 24.19 -0.28 15.69
N ILE B 158 25.37 0.10 16.16
CA ILE B 158 26.23 1.07 15.45
C ILE B 158 27.45 0.35 14.92
N ALA B 159 27.63 0.31 13.62
CA ALA B 159 28.79 -0.35 12.99
C ALA B 159 29.88 0.65 12.75
N SER B 160 31.12 0.13 12.71
CA SER B 160 32.32 0.94 12.46
C SER B 160 32.77 0.90 11.00
N SER B 161 32.30 -0.05 10.23
CA SER B 161 32.78 -0.31 8.85
C SER B 161 31.86 -1.33 8.20
N PRO B 162 31.92 -1.51 6.88
CA PRO B 162 31.14 -2.56 6.21
C PRO B 162 31.45 -3.94 6.80
N GLU B 163 32.73 -4.24 7.02
CA GLU B 163 33.12 -5.55 7.59
C GLU B 163 32.45 -5.73 8.96
N ASN B 164 32.43 -4.69 9.78
CA ASN B 164 31.78 -4.78 11.10
C ASN B 164 30.27 -5.03 10.93
N CYS B 165 29.63 -4.42 9.92
CA CYS B 165 28.22 -4.79 9.65
C CYS B 165 28.03 -6.30 9.48
N ILE B 166 28.94 -6.93 8.74
CA ILE B 166 28.78 -8.37 8.47
C ILE B 166 28.93 -9.14 9.80
N GLU B 167 29.90 -8.72 10.63
CA GLU B 167 30.11 -9.34 11.95
C GLU B 167 28.88 -9.23 12.82
N LEU B 168 28.26 -8.03 12.78
CA LEU B 168 27.03 -7.78 13.56
C LEU B 168 25.90 -8.65 13.03
N ILE B 169 25.74 -8.75 11.73
CA ILE B 169 24.66 -9.59 11.16
C ILE B 169 24.84 -11.03 11.64
N LYS B 170 26.06 -11.57 11.59
CA LYS B 170 26.31 -12.94 12.09
C LYS B 170 25.89 -13.06 13.56
N SER B 171 26.20 -12.08 14.40
CA SER B 171 25.77 -12.12 15.85
C SER B 171 24.22 -12.09 15.95
N ILE B 172 23.57 -11.32 15.07
CA ILE B 172 22.10 -11.17 15.13
C ILE B 172 21.43 -12.46 14.67
N ILE B 173 21.85 -13.03 13.54
CA ILE B 173 21.23 -14.24 12.98
C ILE B 173 21.35 -15.39 13.98
N THR B 174 22.47 -15.42 14.71
CA THR B 174 22.75 -16.45 15.74
C THR B 174 21.73 -16.40 16.89
N VAL B 175 21.35 -15.21 17.35
CA VAL B 175 20.48 -15.10 18.55
C VAL B 175 19.02 -15.04 18.13
N LYS B 176 18.72 -14.55 16.93
CA LYS B 176 17.32 -14.31 16.48
C LYS B 176 16.88 -15.41 15.51
N SER C 12 -20.41 1.71 17.46
CA SER C 12 -20.11 2.82 16.54
C SER C 12 -21.28 3.81 16.49
N MET C 13 -20.97 5.08 16.68
CA MET C 13 -21.95 6.19 16.49
C MET C 13 -21.71 6.83 15.12
N ARG C 14 -20.80 6.29 14.32
CA ARG C 14 -20.43 6.90 13.03
C ARG C 14 -21.60 6.72 12.07
N LYS C 15 -21.70 7.62 11.14
CA LYS C 15 -22.68 7.45 10.08
C LYS C 15 -22.26 6.31 9.16
N PRO C 16 -23.22 5.63 8.56
CA PRO C 16 -22.92 4.65 7.53
C PRO C 16 -22.13 5.28 6.39
N ILE C 17 -21.11 4.57 5.89
CA ILE C 17 -20.34 4.96 4.73
C ILE C 17 -20.72 4.05 3.58
N ILE C 18 -21.22 4.62 2.50
CA ILE C 18 -21.61 3.87 1.32
C ILE C 18 -20.61 4.14 0.23
N GLY C 19 -19.93 3.06 -0.24
CA GLY C 19 -18.94 3.23 -1.29
C GLY C 19 -19.61 3.01 -2.61
N VAL C 20 -19.55 4.03 -3.48
CA VAL C 20 -20.07 3.90 -4.82
C VAL C 20 -18.91 3.82 -5.76
N MET C 21 -18.77 2.63 -6.33
CA MET C 21 -17.71 2.26 -7.25
C MET C 21 -18.29 2.26 -8.64
N GLY C 22 -17.47 2.47 -9.62
CA GLY C 22 -17.93 2.40 -10.99
C GLY C 22 -16.91 3.00 -11.92
N PRO C 23 -17.16 2.88 -13.22
CA PRO C 23 -16.24 3.39 -14.21
C PRO C 23 -16.01 4.89 -14.09
N GLY C 24 -14.85 5.30 -14.53
CA GLY C 24 -14.46 6.69 -14.61
C GLY C 24 -14.76 7.21 -15.99
N GLU C 25 -13.71 7.40 -16.77
CA GLU C 25 -13.81 8.01 -18.10
C GLU C 25 -14.80 7.23 -19.00
N GLN C 26 -14.90 5.91 -18.83
CA GLN C 26 -15.73 5.05 -19.74
C GLN C 26 -17.16 4.85 -19.21
N ALA C 27 -17.56 5.52 -18.13
CA ALA C 27 -18.92 5.36 -17.59
C ALA C 27 -19.95 5.66 -18.71
N THR C 28 -21.01 4.88 -18.77
CA THR C 28 -22.10 5.12 -19.72
C THR C 28 -22.96 6.26 -19.19
N PRO C 29 -23.75 6.91 -20.09
CA PRO C 29 -24.64 7.97 -19.63
C PRO C 29 -25.62 7.50 -18.54
N THR C 30 -26.09 6.25 -18.64
CA THR C 30 -26.96 5.67 -17.62
C THR C 30 -26.20 5.49 -16.30
N ASP C 31 -24.94 5.05 -16.35
CA ASP C 31 -24.14 4.98 -15.14
C ASP C 31 -24.02 6.34 -14.46
N LEU C 32 -23.87 7.41 -15.26
CA LEU C 32 -23.70 8.76 -14.67
C LEU C 32 -24.99 9.21 -14.01
N LYS C 33 -26.12 9.02 -14.69
CA LYS C 33 -27.42 9.38 -14.12
C LYS C 33 -27.71 8.59 -12.86
N ASN C 34 -27.39 7.27 -12.89
CA ASN C 34 -27.61 6.45 -11.70
C ASN C 34 -26.68 6.91 -10.57
N ALA C 35 -25.43 7.22 -10.91
CA ALA C 35 -24.45 7.66 -9.88
C ALA C 35 -24.91 8.95 -9.20
N TYR C 36 -25.39 9.93 -10.00
CA TYR C 36 -25.86 11.20 -9.42
C TYR C 36 -27.02 10.94 -8.49
N GLN C 37 -27.97 10.13 -8.94
CA GLN C 37 -29.15 9.82 -8.11
C GLN C 37 -28.75 9.07 -6.85
N LEU C 38 -27.80 8.09 -6.95
CA LEU C 38 -27.32 7.43 -5.74
C LEU C 38 -26.72 8.44 -4.78
N GLY C 39 -25.88 9.34 -5.28
CA GLY C 39 -25.26 10.33 -4.39
C GLY C 39 -26.32 11.16 -3.69
N GLN C 40 -27.35 11.65 -4.44
CA GLN C 40 -28.44 12.40 -3.81
C GLN C 40 -29.11 11.60 -2.70
N LEU C 41 -29.44 10.32 -3.02
CA LEU C 41 -30.25 9.55 -2.08
C LEU C 41 -29.43 9.16 -0.85
N ILE C 42 -28.14 8.83 -1.05
CA ILE C 42 -27.25 8.53 0.08
C ILE C 42 -27.16 9.72 1.02
N ALA C 43 -26.92 10.92 0.41
CA ALA C 43 -26.81 12.13 1.22
C ALA C 43 -28.11 12.42 1.95
N LEU C 44 -29.25 12.20 1.28
CA LEU C 44 -30.54 12.50 1.92
C LEU C 44 -30.83 11.65 3.14
N GLU C 45 -30.19 10.45 3.19
CA GLU C 45 -30.34 9.59 4.37
C GLU C 45 -29.42 10.04 5.52
N GLY C 46 -28.55 11.02 5.27
CA GLY C 46 -27.54 11.41 6.26
C GLY C 46 -26.37 10.46 6.28
N TRP C 47 -26.22 9.70 5.22
CA TRP C 47 -25.08 8.74 5.09
C TRP C 47 -23.89 9.47 4.43
N VAL C 48 -22.70 8.91 4.61
CA VAL C 48 -21.51 9.45 3.99
C VAL C 48 -21.26 8.71 2.69
N LEU C 49 -20.90 9.42 1.63
CA LEU C 49 -20.55 8.84 0.34
C LEU C 49 -19.04 8.75 0.27
N LEU C 50 -18.59 7.54 -0.12
CA LEU C 50 -17.14 7.32 -0.45
C LEU C 50 -17.04 6.91 -1.89
N THR C 51 -16.13 7.52 -2.60
CA THR C 51 -15.79 7.17 -3.97
C THR C 51 -14.27 7.19 -4.16
N GLY C 52 -13.85 6.79 -5.36
CA GLY C 52 -12.47 6.92 -5.77
C GLY C 52 -12.00 8.33 -6.02
N GLY C 53 -12.93 9.33 -5.96
CA GLY C 53 -12.56 10.73 -5.72
C GLY C 53 -12.23 11.59 -6.90
N ARG C 54 -12.04 11.06 -8.06
CA ARG C 54 -11.58 11.81 -9.21
C ARG C 54 -12.73 12.56 -9.89
N ASN C 55 -12.35 13.49 -10.73
CA ASN C 55 -13.26 14.44 -11.40
C ASN C 55 -13.86 13.87 -12.70
N VAL C 56 -14.06 12.55 -12.76
CA VAL C 56 -14.63 11.88 -13.92
C VAL C 56 -15.62 10.83 -13.48
N GLY C 57 -16.58 10.53 -14.36
CA GLY C 57 -17.38 9.31 -14.28
C GLY C 57 -18.23 9.20 -13.05
N VAL C 58 -18.39 7.97 -12.57
CA VAL C 58 -19.24 7.70 -11.42
C VAL C 58 -18.80 8.47 -10.20
N MET C 59 -17.49 8.56 -10.00
CA MET C 59 -16.93 9.27 -8.85
C MET C 59 -17.48 10.73 -8.84
N GLU C 60 -17.28 11.39 -9.97
CA GLU C 60 -17.68 12.83 -10.09
C GLU C 60 -19.20 12.98 -9.93
N HIS C 61 -19.95 12.15 -10.60
CA HIS C 61 -21.41 12.32 -10.61
C HIS C 61 -22.03 11.97 -9.28
N ALA C 62 -21.57 10.87 -8.65
CA ALA C 62 -22.09 10.57 -7.32
C ALA C 62 -21.76 11.68 -6.36
N SER C 63 -20.52 12.17 -6.40
CA SER C 63 -20.12 13.22 -5.45
C SER C 63 -20.97 14.46 -5.68
N GLN C 64 -21.19 14.83 -6.93
CA GLN C 64 -22.05 16.02 -7.22
C GLN C 64 -23.46 15.80 -6.70
N GLY C 65 -24.01 14.60 -6.86
CA GLY C 65 -25.37 14.31 -6.38
C GLY C 65 -25.45 14.48 -4.86
N ALA C 66 -24.44 13.93 -4.14
CA ALA C 66 -24.45 14.06 -2.70
C ALA C 66 -24.30 15.52 -2.29
N LYS C 67 -23.45 16.26 -2.96
CA LYS C 67 -23.29 17.69 -2.59
C LYS C 67 -24.59 18.48 -2.85
N LYS C 68 -25.36 18.10 -3.86
CA LYS C 68 -26.62 18.83 -4.14
C LYS C 68 -27.51 18.67 -2.92
N ALA C 69 -27.43 17.55 -2.23
CA ALA C 69 -28.21 17.26 -1.01
C ALA C 69 -27.44 17.54 0.29
N GLU C 70 -26.30 18.26 0.19
CA GLU C 70 -25.49 18.70 1.33
C GLU C 70 -24.94 17.52 2.15
N GLY C 71 -24.68 16.41 1.46
CA GLY C 71 -24.03 15.27 2.13
C GLY C 71 -22.52 15.45 2.20
N LEU C 72 -21.93 14.70 3.11
CA LEU C 72 -20.45 14.63 3.21
C LEU C 72 -19.91 13.62 2.20
N THR C 73 -18.88 14.02 1.50
CA THR C 73 -18.26 13.18 0.47
C THR C 73 -16.78 12.96 0.77
N ILE C 74 -16.37 11.69 0.64
CA ILE C 74 -14.95 11.27 0.85
C ILE C 74 -14.47 10.74 -0.48
N GLY C 75 -13.27 11.15 -0.85
CA GLY C 75 -12.63 10.62 -2.07
C GLY C 75 -11.30 9.96 -1.69
N ILE C 76 -11.12 8.75 -2.21
CA ILE C 76 -9.88 7.97 -1.93
C ILE C 76 -9.06 8.00 -3.20
N LEU C 77 -8.08 8.89 -3.27
CA LEU C 77 -7.39 9.17 -4.53
C LEU C 77 -6.19 8.24 -4.68
N PRO C 78 -5.95 7.77 -5.91
CA PRO C 78 -4.83 6.84 -6.16
C PRO C 78 -3.51 7.57 -6.31
N SER C 79 -3.52 8.86 -6.68
CA SER C 79 -2.26 9.54 -6.95
C SER C 79 -1.68 10.15 -5.66
N LYS C 80 -0.54 10.85 -5.80
CA LYS C 80 0.14 11.38 -4.60
C LYS C 80 -0.20 12.83 -4.33
N ASN C 81 -1.20 13.36 -5.04
CA ASN C 81 -1.67 14.73 -4.75
C ASN C 81 -3.15 14.84 -5.15
N THR C 82 -3.70 16.06 -5.02
CA THR C 82 -5.14 16.32 -5.25
C THR C 82 -5.41 16.87 -6.65
N HIS C 83 -4.48 16.76 -7.58
CA HIS C 83 -4.66 17.37 -8.91
C HIS C 83 -5.96 16.94 -9.58
N ASN C 84 -6.39 15.71 -9.42
CA ASN C 84 -7.52 15.17 -10.20
C ASN C 84 -8.80 15.09 -9.39
N VAL C 85 -8.81 15.69 -8.20
CA VAL C 85 -9.94 15.48 -7.30
C VAL C 85 -11.20 16.18 -7.86
N SER C 86 -12.34 15.56 -7.68
CA SER C 86 -13.64 16.18 -7.94
C SER C 86 -13.76 17.40 -7.04
N ASP C 87 -14.39 18.45 -7.63
CA ASP C 87 -14.76 19.67 -6.88
C ASP C 87 -15.81 19.34 -5.84
N ALA C 88 -16.53 18.22 -5.97
CA ALA C 88 -17.60 17.81 -5.08
C ALA C 88 -17.13 16.86 -3.97
N VAL C 89 -15.81 16.63 -3.87
CA VAL C 89 -15.23 15.86 -2.74
C VAL C 89 -14.89 16.81 -1.59
N ASP C 90 -15.45 16.53 -0.41
CA ASP C 90 -15.17 17.34 0.80
C ASP C 90 -13.83 16.96 1.43
N ILE C 91 -13.56 15.63 1.50
CA ILE C 91 -12.37 15.07 2.19
C ILE C 91 -11.61 14.26 1.17
N ALA C 92 -10.44 14.77 0.81
CA ALA C 92 -9.59 14.11 -0.19
C ALA C 92 -8.49 13.30 0.59
N ILE C 93 -8.68 11.99 0.57
CA ILE C 93 -7.65 11.06 1.12
C ILE C 93 -6.70 10.75 -0.03
N VAL C 94 -5.47 11.21 0.12
CA VAL C 94 -4.45 11.07 -0.94
C VAL C 94 -3.59 9.84 -0.56
N THR C 95 -3.71 8.85 -1.39
CA THR C 95 -3.04 7.56 -0.96
C THR C 95 -1.68 7.35 -1.57
N GLY C 96 -1.41 7.82 -2.78
CA GLY C 96 -0.15 7.50 -3.49
C GLY C 96 -0.03 6.00 -3.76
N LEU C 97 -1.10 5.25 -3.78
CA LEU C 97 -1.07 3.78 -3.92
C LEU C 97 -1.45 3.27 -5.27
N GLY C 98 -1.88 4.14 -6.17
CA GLY C 98 -2.43 3.67 -7.43
C GLY C 98 -3.63 2.80 -7.22
N ASN C 99 -3.70 1.72 -8.02
CA ASN C 99 -4.90 0.86 -7.93
C ASN C 99 -4.96 0.05 -6.63
N ALA C 100 -3.85 0.03 -5.86
CA ALA C 100 -3.90 -0.60 -4.55
C ALA C 100 -4.85 0.10 -3.60
N ARG C 101 -5.27 1.36 -3.89
CA ARG C 101 -6.25 2.01 -3.02
C ARG C 101 -7.62 1.34 -3.09
N ASN C 102 -7.87 0.50 -4.08
CA ASN C 102 -9.17 -0.14 -4.24
C ASN C 102 -9.53 -0.88 -2.96
N ASN C 103 -8.52 -1.52 -2.29
CA ASN C 103 -8.83 -2.25 -1.06
C ASN C 103 -9.28 -1.31 0.06
N ILE C 104 -8.72 -0.09 0.10
CA ILE C 104 -9.15 0.87 1.14
C ILE C 104 -10.63 1.25 0.88
N ASN C 105 -10.99 1.41 -0.38
CA ASN C 105 -12.40 1.73 -0.71
C ASN C 105 -13.33 0.68 -0.12
N VAL C 106 -12.96 -0.60 -0.29
CA VAL C 106 -13.82 -1.70 0.11
C VAL C 106 -13.85 -1.83 1.62
N LEU C 107 -12.65 -1.80 2.25
CA LEU C 107 -12.59 -2.01 3.69
C LEU C 107 -13.30 -0.90 4.46
N SER C 108 -13.30 0.32 3.89
CA SER C 108 -13.88 1.50 4.56
C SER C 108 -15.39 1.60 4.40
N SER C 109 -15.97 0.87 3.48
CA SER C 109 -17.40 0.99 3.15
C SER C 109 -18.21 0.03 3.97
N ASP C 110 -19.36 0.43 4.48
CA ASP C 110 -20.31 -0.47 5.12
C ASP C 110 -21.05 -1.30 4.07
N VAL C 111 -21.32 -0.68 2.91
CA VAL C 111 -21.94 -1.33 1.75
C VAL C 111 -21.20 -0.82 0.55
N VAL C 112 -20.98 -1.67 -0.44
CA VAL C 112 -20.36 -1.32 -1.72
C VAL C 112 -21.42 -1.43 -2.78
N ILE C 113 -21.61 -0.33 -3.52
CA ILE C 113 -22.45 -0.34 -4.72
C ILE C 113 -21.54 -0.24 -5.92
N ALA C 114 -21.68 -1.14 -6.86
CA ALA C 114 -20.99 -1.05 -8.14
C ALA C 114 -21.99 -0.52 -9.16
N CYS C 115 -21.80 0.76 -9.53
CA CYS C 115 -22.66 1.49 -10.47
C CYS C 115 -21.98 1.48 -11.82
N GLY C 116 -22.39 0.55 -12.69
CA GLY C 116 -21.67 0.27 -13.94
C GLY C 116 -20.52 -0.76 -13.76
N ILE C 117 -19.84 -1.02 -14.85
CA ILE C 117 -18.79 -2.09 -14.87
C ILE C 117 -17.60 -1.60 -15.66
N GLY C 118 -16.44 -2.02 -15.22
CA GLY C 118 -15.15 -1.77 -15.85
C GLY C 118 -14.14 -2.59 -15.08
N LEU C 119 -12.89 -2.54 -15.50
CA LEU C 119 -11.86 -3.41 -14.86
C LEU C 119 -11.66 -3.03 -13.40
N GLY C 120 -11.48 -1.76 -13.08
CA GLY C 120 -11.26 -1.39 -11.68
C GLY C 120 -12.45 -1.76 -10.83
N THR C 121 -13.67 -1.56 -11.33
CA THR C 121 -14.86 -1.90 -10.56
C THR C 121 -14.92 -3.41 -10.34
N LEU C 122 -14.57 -4.20 -11.36
CA LEU C 122 -14.55 -5.68 -11.17
C LEU C 122 -13.61 -6.05 -10.02
N SER C 123 -12.44 -5.39 -9.97
N SER C 123 -12.44 -5.42 -9.97
CA SER C 123 -11.45 -5.69 -8.89
CA SER C 123 -11.49 -5.77 -8.88
C SER C 123 -12.07 -5.35 -7.53
C SER C 123 -12.06 -5.36 -7.53
N GLU C 124 -12.77 -4.22 -7.43
CA GLU C 124 -13.36 -3.78 -6.15
C GLU C 124 -14.49 -4.70 -5.71
N VAL C 125 -15.35 -5.09 -6.64
CA VAL C 125 -16.45 -6.02 -6.30
C VAL C 125 -15.85 -7.34 -5.83
N ALA C 126 -14.86 -7.84 -6.55
CA ALA C 126 -14.25 -9.12 -6.15
C ALA C 126 -13.68 -9.01 -4.75
N LEU C 127 -12.94 -7.93 -4.47
CA LEU C 127 -12.34 -7.75 -3.12
C LEU C 127 -13.42 -7.61 -2.05
N ALA C 128 -14.48 -6.84 -2.35
CA ALA C 128 -15.54 -6.68 -1.37
C ALA C 128 -16.20 -8.03 -1.06
N LEU C 129 -16.49 -8.81 -2.09
CA LEU C 129 -17.11 -10.15 -1.85
C LEU C 129 -16.13 -11.07 -1.10
N LYS C 130 -14.85 -10.97 -1.38
CA LYS C 130 -13.85 -11.82 -0.66
C LYS C 130 -13.86 -11.41 0.81
N ASN C 131 -14.05 -10.11 1.10
CA ASN C 131 -14.16 -9.62 2.49
C ASN C 131 -15.57 -9.85 3.04
N GLN C 132 -16.50 -10.43 2.37
CA GLN C 132 -17.86 -10.67 2.91
C GLN C 132 -18.53 -9.33 3.24
N LYS C 133 -18.17 -8.30 2.49
CA LYS C 133 -18.88 -7.00 2.59
C LYS C 133 -20.19 -7.16 1.80
N PRO C 134 -21.30 -6.49 2.19
CA PRO C 134 -22.47 -6.44 1.33
C PRO C 134 -22.16 -5.66 0.05
N VAL C 135 -22.57 -6.22 -1.07
CA VAL C 135 -22.29 -5.69 -2.40
C VAL C 135 -23.56 -5.71 -3.21
N ILE C 136 -23.84 -4.50 -3.76
CA ILE C 136 -25.03 -4.29 -4.62
C ILE C 136 -24.54 -3.92 -6.00
N LEU C 137 -24.97 -4.65 -7.02
CA LEU C 137 -24.63 -4.31 -8.41
C LEU C 137 -25.81 -3.52 -9.01
N LEU C 138 -25.42 -2.43 -9.64
CA LEU C 138 -26.44 -1.61 -10.40
C LEU C 138 -25.85 -1.41 -11.80
N ASN C 139 -26.15 -2.35 -12.70
CA ASN C 139 -25.55 -2.32 -14.02
C ASN C 139 -26.40 -3.06 -15.02
N ASP C 140 -25.98 -2.96 -16.28
CA ASP C 140 -26.73 -3.59 -17.41
C ASP C 140 -25.91 -4.72 -18.00
N ASP C 141 -25.05 -5.37 -17.19
CA ASP C 141 -24.07 -6.36 -17.68
C ASP C 141 -24.45 -7.72 -17.08
N LEU C 142 -25.19 -8.51 -17.82
CA LEU C 142 -25.68 -9.81 -17.30
C LEU C 142 -24.50 -10.78 -17.08
N LEU C 143 -23.41 -10.67 -17.83
CA LEU C 143 -22.21 -11.54 -17.61
C LEU C 143 -21.66 -11.33 -16.21
N SER C 144 -21.41 -10.08 -15.81
CA SER C 144 -20.87 -9.74 -14.48
C SER C 144 -21.84 -10.19 -13.39
N GLN C 145 -23.15 -10.04 -13.63
CA GLN C 145 -24.16 -10.37 -12.62
C GLN C 145 -24.12 -11.88 -12.40
N GLU C 146 -24.08 -12.68 -13.46
CA GLU C 146 -24.07 -14.13 -13.33
C GLU C 146 -22.73 -14.57 -12.71
N LEU C 147 -21.62 -14.02 -13.17
CA LEU C 147 -20.30 -14.38 -12.64
C LEU C 147 -20.21 -14.13 -11.13
N PHE C 148 -20.63 -12.96 -10.67
CA PHE C 148 -20.54 -12.65 -9.25
C PHE C 148 -21.56 -13.42 -8.44
N ALA C 149 -22.75 -13.71 -8.99
CA ALA C 149 -23.71 -14.57 -8.29
C ALA C 149 -23.05 -15.93 -8.08
N ASN C 150 -22.39 -16.44 -9.09
CA ASN C 150 -21.75 -17.79 -9.01
C ASN C 150 -20.62 -17.78 -7.97
N LEU C 151 -19.73 -16.80 -8.06
CA LEU C 151 -18.52 -16.77 -7.20
C LEU C 151 -18.86 -16.40 -5.77
N SER C 152 -20.02 -15.76 -5.54
CA SER C 152 -20.40 -15.31 -4.20
C SER C 152 -21.44 -16.24 -3.60
N ASN C 153 -21.74 -17.36 -4.26
CA ASN C 153 -22.83 -18.27 -3.83
C ASN C 153 -24.09 -17.45 -3.57
N ASN C 154 -24.38 -16.55 -4.51
CA ASN C 154 -25.62 -15.77 -4.55
C ASN C 154 -25.75 -14.77 -3.39
N GLN C 155 -24.63 -14.32 -2.80
CA GLN C 155 -24.66 -13.34 -1.72
C GLN C 155 -24.72 -11.90 -2.29
N VAL C 156 -24.24 -11.69 -3.49
CA VAL C 156 -24.32 -10.37 -4.14
C VAL C 156 -25.79 -10.01 -4.37
N TRP C 157 -26.10 -8.72 -4.24
CA TRP C 157 -27.45 -8.23 -4.61
C TRP C 157 -27.38 -7.58 -5.98
N ILE C 158 -28.44 -7.75 -6.74
CA ILE C 158 -28.61 -7.11 -8.05
C ILE C 158 -29.79 -6.12 -7.89
N ALA C 159 -29.50 -4.83 -7.99
CA ALA C 159 -30.51 -3.78 -7.80
C ALA C 159 -31.13 -3.41 -9.14
N SER C 160 -32.37 -2.90 -9.07
CA SER C 160 -33.12 -2.51 -10.26
C SER C 160 -33.03 -0.99 -10.53
N SER C 161 -32.61 -0.21 -9.55
CA SER C 161 -32.62 1.25 -9.61
C SER C 161 -31.80 1.79 -8.46
N PRO C 162 -31.45 3.10 -8.49
CA PRO C 162 -30.84 3.74 -7.34
C PRO C 162 -31.72 3.62 -6.08
N GLU C 163 -33.02 3.89 -6.21
N GLU C 163 -33.01 3.88 -6.21
CA GLU C 163 -33.96 3.76 -5.07
CA GLU C 163 -33.89 3.80 -5.03
C GLU C 163 -33.88 2.35 -4.49
C GLU C 163 -33.88 2.35 -4.48
N ASN C 164 -33.85 1.34 -5.33
CA ASN C 164 -33.78 -0.06 -4.84
C ASN C 164 -32.45 -0.30 -4.07
N CYS C 165 -31.36 0.31 -4.51
CA CYS C 165 -30.10 0.22 -3.74
C CYS C 165 -30.31 0.76 -2.32
N ILE C 166 -30.99 1.92 -2.21
CA ILE C 166 -31.21 2.53 -0.89
C ILE C 166 -32.06 1.58 -0.04
N GLU C 167 -33.14 1.05 -0.61
CA GLU C 167 -34.03 0.13 0.11
C GLU C 167 -33.23 -1.07 0.62
N LEU C 168 -32.37 -1.61 -0.21
CA LEU C 168 -31.53 -2.76 0.16
C LEU C 168 -30.58 -2.37 1.31
N ILE C 169 -29.93 -1.21 1.21
CA ILE C 169 -29.05 -0.76 2.28
C ILE C 169 -29.80 -0.65 3.59
N LYS C 170 -31.00 -0.04 3.59
CA LYS C 170 -31.79 0.06 4.83
C LYS C 170 -32.05 -1.33 5.43
N SER C 171 -32.31 -2.33 4.62
CA SER C 171 -32.56 -3.70 5.14
C SER C 171 -31.24 -4.27 5.70
N ILE C 172 -30.12 -3.98 5.07
CA ILE C 172 -28.80 -4.51 5.47
C ILE C 172 -28.37 -3.86 6.78
N ILE C 173 -28.43 -2.54 6.88
CA ILE C 173 -27.79 -1.86 8.03
C ILE C 173 -28.75 -1.93 9.23
N THR C 174 -30.08 -1.99 9.05
CA THR C 174 -31.00 -2.18 10.20
C THR C 174 -30.91 -3.63 10.71
N SER D 12 16.58 -4.17 -20.38
CA SER D 12 16.62 -5.07 -19.16
C SER D 12 17.39 -6.35 -19.44
N MET D 13 18.30 -6.71 -18.53
CA MET D 13 19.00 -8.02 -18.56
C MET D 13 18.34 -8.99 -17.58
N ARG D 14 17.24 -8.60 -16.94
CA ARG D 14 16.60 -9.42 -15.89
C ARG D 14 15.90 -10.58 -16.57
N LYS D 15 15.82 -11.69 -15.87
CA LYS D 15 15.00 -12.82 -16.32
C LYS D 15 13.54 -12.43 -16.35
N PRO D 16 12.77 -12.96 -17.32
CA PRO D 16 11.33 -12.85 -17.28
C PRO D 16 10.76 -13.31 -15.95
N ILE D 17 9.80 -12.57 -15.41
CA ILE D 17 9.04 -12.93 -14.21
C ILE D 17 7.61 -13.24 -14.64
N ILE D 18 7.17 -14.45 -14.39
CA ILE D 18 5.82 -14.93 -14.76
C ILE D 18 5.03 -15.06 -13.50
N GLY D 19 3.94 -14.29 -13.39
CA GLY D 19 3.06 -14.38 -12.25
C GLY D 19 2.01 -15.44 -12.47
N VAL D 20 1.90 -16.38 -11.56
CA VAL D 20 0.87 -17.42 -11.61
C VAL D 20 -0.08 -17.18 -10.46
N MET D 21 -1.32 -16.86 -10.81
CA MET D 21 -2.39 -16.58 -9.88
C MET D 21 -3.39 -17.73 -9.99
N GLY D 22 -4.12 -18.01 -8.94
CA GLY D 22 -5.25 -18.92 -9.02
C GLY D 22 -5.80 -19.23 -7.64
N PRO D 23 -6.89 -19.99 -7.56
CA PRO D 23 -7.54 -20.29 -6.30
C PRO D 23 -6.73 -21.18 -5.37
N GLY D 24 -7.18 -21.20 -4.14
CA GLY D 24 -6.54 -21.97 -3.07
C GLY D 24 -7.31 -23.21 -2.86
N GLU D 25 -8.05 -23.27 -1.76
CA GLU D 25 -8.73 -24.53 -1.32
C GLU D 25 -9.71 -24.99 -2.40
N GLN D 26 -10.29 -24.06 -3.16
CA GLN D 26 -11.34 -24.39 -4.13
C GLN D 26 -10.77 -24.62 -5.52
N ALA D 27 -9.46 -24.65 -5.69
CA ALA D 27 -8.87 -25.03 -6.98
C ALA D 27 -9.39 -26.41 -7.37
N THR D 28 -9.67 -26.60 -8.65
CA THR D 28 -10.07 -27.92 -9.16
C THR D 28 -8.82 -28.80 -9.31
N PRO D 29 -9.02 -30.12 -9.44
CA PRO D 29 -7.90 -31.01 -9.68
C PRO D 29 -7.10 -30.60 -10.92
N THR D 30 -7.80 -30.19 -11.98
CA THR D 30 -7.17 -29.72 -13.22
C THR D 30 -6.36 -28.45 -12.95
N ASP D 31 -6.88 -27.51 -12.15
CA ASP D 31 -6.13 -26.29 -11.84
C ASP D 31 -4.82 -26.65 -11.12
N LEU D 32 -4.88 -27.59 -10.21
CA LEU D 32 -3.67 -27.95 -9.43
C LEU D 32 -2.63 -28.65 -10.30
N LYS D 33 -3.08 -29.55 -11.18
CA LYS D 33 -2.18 -30.25 -12.11
C LYS D 33 -1.57 -29.23 -13.07
N ASN D 34 -2.39 -28.30 -13.56
CA ASN D 34 -1.92 -27.25 -14.47
C ASN D 34 -0.90 -26.38 -13.75
N ALA D 35 -1.16 -26.02 -12.51
CA ALA D 35 -0.29 -25.13 -11.75
C ALA D 35 1.11 -25.77 -11.57
N TYR D 36 1.10 -27.04 -11.13
CA TYR D 36 2.38 -27.75 -10.92
C TYR D 36 3.17 -27.85 -12.23
N GLN D 37 2.48 -28.20 -13.31
CA GLN D 37 3.15 -28.27 -14.64
C GLN D 37 3.68 -26.91 -15.06
N LEU D 38 2.86 -25.86 -14.91
CA LEU D 38 3.32 -24.50 -15.24
C LEU D 38 4.56 -24.14 -14.46
N GLY D 39 4.58 -24.42 -13.16
CA GLY D 39 5.76 -24.06 -12.37
C GLY D 39 7.01 -24.71 -12.92
N GLN D 40 6.91 -26.00 -13.21
CA GLN D 40 8.04 -26.76 -13.80
C GLN D 40 8.45 -26.12 -15.13
N LEU D 41 7.49 -25.83 -16.02
CA LEU D 41 7.81 -25.32 -17.37
C LEU D 41 8.42 -23.91 -17.30
N ILE D 42 7.93 -23.07 -16.40
CA ILE D 42 8.50 -21.72 -16.22
C ILE D 42 9.97 -21.85 -15.79
N ALA D 43 10.21 -22.70 -14.79
CA ALA D 43 11.57 -22.89 -14.29
C ALA D 43 12.47 -23.49 -15.38
N LEU D 44 11.93 -24.38 -16.21
CA LEU D 44 12.80 -25.04 -17.21
C LEU D 44 13.21 -24.04 -18.30
N GLU D 45 12.46 -22.95 -18.47
CA GLU D 45 12.83 -21.88 -19.41
C GLU D 45 13.89 -20.94 -18.80
N GLY D 46 14.19 -21.09 -17.52
CA GLY D 46 15.08 -20.14 -16.81
C GLY D 46 14.37 -18.89 -16.38
N TRP D 47 13.04 -18.93 -16.35
CA TRP D 47 12.21 -17.78 -15.91
C TRP D 47 12.00 -17.83 -14.42
N VAL D 48 11.62 -16.69 -13.85
CA VAL D 48 11.33 -16.58 -12.43
C VAL D 48 9.82 -16.74 -12.24
N LEU D 49 9.40 -17.46 -11.23
CA LEU D 49 7.98 -17.60 -10.87
C LEU D 49 7.67 -16.66 -9.75
N LEU D 50 6.59 -15.89 -9.95
CA LEU D 50 6.03 -15.00 -8.90
C LEU D 50 4.63 -15.46 -8.55
N THR D 51 4.35 -15.59 -7.28
CA THR D 51 2.98 -15.84 -6.79
C THR D 51 2.69 -14.97 -5.59
N GLY D 52 1.45 -15.01 -5.15
CA GLY D 52 1.05 -14.34 -3.91
C GLY D 52 1.46 -15.10 -2.66
N GLY D 53 2.18 -16.23 -2.80
CA GLY D 53 2.75 -16.89 -1.62
C GLY D 53 1.79 -17.73 -0.75
N ARG D 54 0.60 -18.01 -1.23
CA ARG D 54 -0.37 -18.84 -0.47
C ARG D 54 0.21 -20.27 -0.39
N ASN D 55 0.16 -20.86 0.81
CA ASN D 55 0.74 -22.18 1.05
C ASN D 55 -0.24 -23.30 0.73
N VAL D 56 -1.27 -23.05 -0.08
CA VAL D 56 -2.22 -24.09 -0.54
C VAL D 56 -2.71 -23.67 -1.93
N GLY D 57 -3.13 -24.61 -2.72
CA GLY D 57 -3.77 -24.37 -3.99
C GLY D 57 -2.77 -24.06 -5.06
N VAL D 58 -3.20 -23.28 -6.04
CA VAL D 58 -2.44 -23.06 -7.28
C VAL D 58 -1.07 -22.48 -6.98
N MET D 59 -1.02 -21.48 -6.08
CA MET D 59 0.26 -20.79 -5.89
C MET D 59 1.31 -21.79 -5.35
N GLU D 60 0.89 -22.60 -4.38
CA GLU D 60 1.81 -23.59 -3.77
C GLU D 60 2.16 -24.66 -4.76
N HIS D 61 1.23 -25.17 -5.53
CA HIS D 61 1.58 -26.21 -6.54
C HIS D 61 2.51 -25.64 -7.61
N ALA D 62 2.27 -24.39 -8.06
CA ALA D 62 3.17 -23.77 -9.01
C ALA D 62 4.57 -23.65 -8.39
N SER D 63 4.67 -23.19 -7.16
CA SER D 63 5.97 -22.96 -6.49
C SER D 63 6.69 -24.31 -6.36
N GLN D 64 5.99 -25.36 -5.94
CA GLN D 64 6.62 -26.68 -5.82
C GLN D 64 7.07 -27.15 -7.21
N GLY D 65 6.29 -26.93 -8.25
CA GLY D 65 6.68 -27.28 -9.62
C GLY D 65 7.98 -26.62 -10.04
N ALA D 66 8.07 -25.31 -9.78
CA ALA D 66 9.26 -24.54 -10.14
C ALA D 66 10.44 -25.09 -9.35
N LYS D 67 10.25 -25.36 -8.06
CA LYS D 67 11.38 -25.86 -7.27
C LYS D 67 11.85 -27.24 -7.73
N LYS D 68 10.92 -28.06 -8.20
CA LYS D 68 11.26 -29.40 -8.71
C LYS D 68 12.22 -29.24 -9.88
N ALA D 69 12.07 -28.17 -10.66
CA ALA D 69 12.91 -27.88 -11.83
C ALA D 69 14.00 -26.85 -11.51
N GLU D 70 14.27 -26.63 -10.23
CA GLU D 70 15.39 -25.81 -9.72
C GLU D 70 15.25 -24.34 -10.14
N GLY D 71 14.03 -23.85 -10.30
CA GLY D 71 13.79 -22.45 -10.60
C GLY D 71 13.71 -21.61 -9.35
N LEU D 72 13.85 -20.29 -9.53
CA LEU D 72 13.69 -19.31 -8.45
C LEU D 72 12.21 -18.94 -8.31
N THR D 73 11.77 -18.92 -7.08
CA THR D 73 10.40 -18.56 -6.73
C THR D 73 10.36 -17.33 -5.83
N ILE D 74 9.43 -16.41 -6.16
CA ILE D 74 9.20 -15.18 -5.38
C ILE D 74 7.76 -15.24 -4.88
N GLY D 75 7.59 -14.93 -3.60
CA GLY D 75 6.23 -14.84 -3.06
C GLY D 75 5.98 -13.44 -2.52
N ILE D 76 4.84 -12.86 -2.93
CA ILE D 76 4.44 -11.49 -2.48
C ILE D 76 3.37 -11.70 -1.42
N LEU D 77 3.78 -11.63 -0.16
CA LEU D 77 2.93 -12.06 0.95
C LEU D 77 2.08 -10.91 1.42
N PRO D 78 0.81 -11.19 1.74
CA PRO D 78 -0.10 -10.15 2.24
C PRO D 78 0.09 -9.83 3.72
N SER D 79 0.65 -10.79 4.46
N SER D 79 0.65 -10.79 4.47
CA SER D 79 0.85 -10.70 5.90
CA SER D 79 0.81 -10.65 5.93
C SER D 79 2.03 -9.80 6.27
C SER D 79 2.02 -9.78 6.27
N LYS D 80 2.21 -9.55 7.56
CA LYS D 80 3.33 -8.72 8.04
C LYS D 80 4.51 -9.57 8.50
N ASN D 81 4.43 -10.87 8.28
CA ASN D 81 5.54 -11.78 8.67
C ASN D 81 5.56 -12.96 7.72
N THR D 82 6.51 -13.85 7.95
CA THR D 82 6.73 -15.07 7.15
C THR D 82 6.13 -16.31 7.78
N HIS D 83 5.27 -16.16 8.76
CA HIS D 83 4.82 -17.35 9.55
C HIS D 83 4.16 -18.39 8.64
N ASN D 84 3.49 -17.99 7.57
CA ASN D 84 2.71 -18.95 6.78
C ASN D 84 3.41 -19.31 5.47
N VAL D 85 4.61 -18.82 5.23
CA VAL D 85 5.19 -19.03 3.89
C VAL D 85 5.72 -20.49 3.79
N SER D 86 5.55 -21.11 2.66
CA SER D 86 5.99 -22.50 2.44
C SER D 86 7.47 -22.49 2.10
N ASP D 87 8.02 -23.69 2.21
CA ASP D 87 9.41 -23.98 1.86
C ASP D 87 9.62 -23.85 0.38
N ALA D 88 8.57 -23.83 -0.44
CA ALA D 88 8.76 -23.74 -1.92
C ALA D 88 8.94 -22.31 -2.43
N VAL D 89 8.89 -21.34 -1.51
CA VAL D 89 9.12 -19.92 -1.84
C VAL D 89 10.53 -19.56 -1.46
N ASP D 90 11.37 -19.17 -2.41
CA ASP D 90 12.79 -18.81 -2.13
C ASP D 90 12.92 -17.39 -1.54
N ILE D 91 12.14 -16.45 -2.10
CA ILE D 91 12.24 -15.03 -1.71
C ILE D 91 10.85 -14.57 -1.26
N ALA D 92 10.73 -14.33 0.01
CA ALA D 92 9.47 -13.88 0.63
C ALA D 92 9.50 -12.35 0.75
N ILE D 93 8.67 -11.71 -0.09
CA ILE D 93 8.48 -10.25 0.00
C ILE D 93 7.29 -10.05 0.92
N VAL D 94 7.55 -9.48 2.07
CA VAL D 94 6.54 -9.38 3.15
C VAL D 94 5.94 -7.95 3.04
N THR D 95 4.66 -7.87 2.67
CA THR D 95 4.12 -6.53 2.34
C THR D 95 3.36 -5.92 3.50
N GLY D 96 2.67 -6.67 4.32
CA GLY D 96 1.79 -6.16 5.34
C GLY D 96 0.60 -5.39 4.71
N LEU D 97 0.26 -5.66 3.45
CA LEU D 97 -0.78 -4.88 2.75
C LEU D 97 -2.07 -5.64 2.57
N GLY D 98 -2.19 -6.85 3.08
CA GLY D 98 -3.39 -7.64 2.78
C GLY D 98 -3.64 -7.79 1.29
N ASN D 99 -4.91 -7.69 0.88
CA ASN D 99 -5.24 -7.90 -0.54
C ASN D 99 -4.78 -6.72 -1.44
N ALA D 100 -4.33 -5.62 -0.84
CA ALA D 100 -3.72 -4.55 -1.63
C ALA D 100 -2.46 -5.00 -2.33
N ARG D 101 -1.84 -6.10 -1.86
CA ARG D 101 -0.62 -6.55 -2.55
C ARG D 101 -0.87 -7.08 -3.94
N ASN D 102 -2.11 -7.35 -4.30
CA ASN D 102 -2.43 -7.92 -5.61
C ASN D 102 -1.85 -7.01 -6.72
N ASN D 103 -1.83 -5.68 -6.48
CA ASN D 103 -1.34 -4.76 -7.51
C ASN D 103 0.17 -4.94 -7.70
N ILE D 104 0.89 -5.25 -6.62
CA ILE D 104 2.34 -5.51 -6.74
C ILE D 104 2.57 -6.75 -7.57
N ASN D 105 1.74 -7.77 -7.35
CA ASN D 105 1.92 -9.02 -8.13
C ASN D 105 1.87 -8.72 -9.62
N VAL D 106 0.87 -7.88 -10.00
CA VAL D 106 0.64 -7.66 -11.45
C VAL D 106 1.64 -6.67 -12.02
N LEU D 107 1.99 -5.63 -11.27
CA LEU D 107 2.98 -4.66 -11.78
C LEU D 107 4.37 -5.30 -11.94
N SER D 108 4.67 -6.30 -11.12
CA SER D 108 6.00 -6.95 -11.12
C SER D 108 6.14 -8.04 -12.18
N SER D 109 5.04 -8.51 -12.73
CA SER D 109 5.03 -9.65 -13.65
C SER D 109 5.19 -9.17 -15.09
N ASP D 110 5.98 -9.86 -15.89
CA ASP D 110 6.02 -9.61 -17.33
C ASP D 110 4.77 -10.16 -18.01
N VAL D 111 4.27 -11.30 -17.55
CA VAL D 111 3.02 -11.92 -18.01
C VAL D 111 2.35 -12.47 -16.77
N VAL D 112 1.03 -12.38 -16.69
CA VAL D 112 0.23 -12.90 -15.59
C VAL D 112 -0.58 -14.06 -16.16
N ILE D 113 -0.48 -15.23 -15.51
CA ILE D 113 -1.33 -16.38 -15.85
C ILE D 113 -2.32 -16.60 -14.72
N ALA D 114 -3.59 -16.67 -15.08
CA ALA D 114 -4.65 -17.04 -14.15
C ALA D 114 -4.96 -18.50 -14.41
N CYS D 115 -4.59 -19.31 -13.43
CA CYS D 115 -4.74 -20.76 -13.49
C CYS D 115 -5.90 -21.12 -12.59
N GLY D 116 -7.08 -21.29 -13.19
CA GLY D 116 -8.34 -21.40 -12.47
C GLY D 116 -8.93 -20.02 -12.21
N ILE D 117 -10.03 -20.00 -11.49
CA ILE D 117 -10.78 -18.74 -11.23
C ILE D 117 -11.32 -18.77 -9.81
N GLY D 118 -11.46 -17.63 -9.24
CA GLY D 118 -11.96 -17.39 -7.89
C GLY D 118 -11.98 -15.85 -7.72
N LEU D 119 -12.44 -15.38 -6.58
CA LEU D 119 -12.58 -13.94 -6.37
C LEU D 119 -11.22 -13.23 -6.39
N GLY D 120 -10.22 -13.76 -5.67
CA GLY D 120 -8.93 -13.07 -5.63
C GLY D 120 -8.32 -13.04 -7.00
N THR D 121 -8.42 -14.16 -7.73
CA THR D 121 -7.87 -14.25 -9.09
C THR D 121 -8.56 -13.25 -10.00
N LEU D 122 -9.87 -13.15 -9.88
CA LEU D 122 -10.62 -12.16 -10.71
C LEU D 122 -10.08 -10.76 -10.46
N SER D 123 -9.84 -10.42 -9.19
N SER D 123 -9.86 -10.44 -9.20
CA SER D 123 -9.30 -9.07 -8.86
CA SER D 123 -9.31 -9.10 -8.85
C SER D 123 -7.94 -8.87 -9.52
C SER D 123 -7.96 -8.90 -9.54
N GLU D 124 -7.06 -9.90 -9.48
CA GLU D 124 -5.73 -9.75 -10.06
C GLU D 124 -5.78 -9.64 -11.59
N VAL D 125 -6.60 -10.46 -12.22
CA VAL D 125 -6.73 -10.35 -13.69
C VAL D 125 -7.24 -8.96 -14.07
N ALA D 126 -8.25 -8.48 -13.35
CA ALA D 126 -8.81 -7.15 -13.64
C ALA D 126 -7.72 -6.08 -13.51
N LEU D 127 -6.97 -6.12 -12.40
CA LEU D 127 -5.86 -5.14 -12.18
C LEU D 127 -4.79 -5.28 -13.27
N ALA D 128 -4.42 -6.51 -13.62
CA ALA D 128 -3.42 -6.68 -14.67
C ALA D 128 -3.89 -6.08 -15.98
N LEU D 129 -5.13 -6.36 -16.37
CA LEU D 129 -5.64 -5.79 -17.65
C LEU D 129 -5.78 -4.27 -17.56
N LYS D 130 -6.13 -3.73 -16.40
CA LYS D 130 -6.24 -2.26 -16.24
C LYS D 130 -4.85 -1.64 -16.43
N ASN D 131 -3.81 -2.32 -15.96
CA ASN D 131 -2.39 -1.88 -16.08
C ASN D 131 -1.79 -2.25 -17.45
N GLN D 132 -2.59 -2.80 -18.37
CA GLN D 132 -2.19 -3.18 -19.74
C GLN D 132 -1.06 -4.22 -19.70
N LYS D 133 -1.10 -5.08 -18.68
CA LYS D 133 -0.17 -6.20 -18.59
C LYS D 133 -0.74 -7.34 -19.43
N PRO D 134 0.13 -8.15 -20.08
CA PRO D 134 -0.35 -9.34 -20.78
C PRO D 134 -0.89 -10.37 -19.78
N VAL D 135 -2.07 -10.90 -20.11
CA VAL D 135 -2.76 -11.87 -19.24
C VAL D 135 -3.13 -13.08 -20.07
N ILE D 136 -2.81 -14.26 -19.50
CA ILE D 136 -3.22 -15.54 -20.09
C ILE D 136 -4.17 -16.21 -19.12
N LEU D 137 -5.34 -16.60 -19.61
CA LEU D 137 -6.31 -17.37 -18.81
C LEU D 137 -6.16 -18.85 -19.15
N LEU D 138 -6.02 -19.64 -18.11
CA LEU D 138 -5.98 -21.13 -18.21
C LEU D 138 -7.06 -21.66 -17.27
N ASN D 139 -8.29 -21.76 -17.78
CA ASN D 139 -9.42 -22.14 -16.94
C ASN D 139 -10.55 -22.65 -17.80
N ASP D 140 -11.57 -23.16 -17.13
CA ASP D 140 -12.77 -23.72 -17.78
C ASP D 140 -13.98 -22.84 -17.47
N ASP D 141 -13.78 -21.54 -17.35
CA ASP D 141 -14.84 -20.57 -17.00
C ASP D 141 -15.12 -19.65 -18.20
N LEU D 142 -16.09 -20.02 -19.02
CA LEU D 142 -16.42 -19.26 -20.24
C LEU D 142 -16.95 -17.86 -19.91
N LEU D 143 -17.66 -17.69 -18.79
CA LEU D 143 -18.19 -16.36 -18.38
C LEU D 143 -17.02 -15.38 -18.18
N SER D 144 -16.04 -15.76 -17.37
CA SER D 144 -14.87 -14.89 -17.08
C SER D 144 -14.11 -14.61 -18.38
N GLN D 145 -14.01 -15.58 -19.28
CA GLN D 145 -13.26 -15.42 -20.52
C GLN D 145 -13.93 -14.36 -21.38
N GLU D 146 -15.24 -14.48 -21.53
CA GLU D 146 -16.03 -13.51 -22.35
C GLU D 146 -15.97 -12.12 -21.69
N LEU D 147 -16.18 -12.05 -20.39
CA LEU D 147 -16.19 -10.74 -19.69
C LEU D 147 -14.84 -10.03 -19.87
N PHE D 148 -13.73 -10.73 -19.64
CA PHE D 148 -12.41 -10.10 -19.76
C PHE D 148 -12.07 -9.75 -21.22
N ALA D 149 -12.49 -10.58 -22.17
CA ALA D 149 -12.27 -10.27 -23.60
C ALA D 149 -13.00 -8.95 -23.91
N ASN D 150 -14.21 -8.80 -23.41
CA ASN D 150 -15.02 -7.58 -23.68
C ASN D 150 -14.34 -6.34 -23.05
N LEU D 151 -13.98 -6.44 -21.77
CA LEU D 151 -13.44 -5.28 -21.03
C LEU D 151 -12.04 -4.94 -21.46
N SER D 152 -11.31 -5.88 -22.05
CA SER D 152 -9.90 -5.66 -22.45
C SER D 152 -9.79 -5.38 -23.94
N ASN D 153 -10.92 -5.27 -24.64
CA ASN D 153 -10.96 -5.16 -26.11
C ASN D 153 -10.06 -6.27 -26.70
N ASN D 154 -10.29 -7.49 -26.22
CA ASN D 154 -9.70 -8.72 -26.76
C ASN D 154 -8.20 -8.78 -26.56
N GLN D 155 -7.64 -8.08 -25.57
CA GLN D 155 -6.18 -8.15 -25.32
C GLN D 155 -5.80 -9.38 -24.46
N VAL D 156 -6.72 -9.92 -23.71
CA VAL D 156 -6.48 -11.14 -22.92
C VAL D 156 -6.27 -12.35 -23.85
N TRP D 157 -5.42 -13.27 -23.44
CA TRP D 157 -5.17 -14.54 -24.17
C TRP D 157 -5.80 -15.70 -23.41
N ILE D 158 -6.32 -16.66 -24.15
CA ILE D 158 -6.92 -17.89 -23.60
C ILE D 158 -6.02 -19.06 -23.99
N ALA D 159 -5.46 -19.74 -22.99
CA ALA D 159 -4.57 -20.88 -23.25
C ALA D 159 -5.33 -22.19 -23.17
N SER D 160 -4.82 -23.17 -23.89
CA SER D 160 -5.42 -24.53 -23.94
C SER D 160 -4.71 -25.50 -22.98
N SER D 161 -3.52 -25.16 -22.52
CA SER D 161 -2.68 -26.07 -21.72
C SER D 161 -1.53 -25.30 -21.12
N PRO D 162 -0.81 -25.86 -20.12
CA PRO D 162 0.42 -25.24 -19.63
C PRO D 162 1.43 -25.00 -20.74
N GLU D 163 1.65 -25.99 -21.60
CA GLU D 163 2.59 -25.82 -22.72
C GLU D 163 2.18 -24.62 -23.61
N ASN D 164 0.88 -24.48 -23.85
CA ASN D 164 0.39 -23.36 -24.69
C ASN D 164 0.67 -22.03 -23.97
N CYS D 165 0.55 -21.99 -22.65
CA CYS D 165 0.93 -20.78 -21.90
C CYS D 165 2.38 -20.39 -22.20
N ILE D 166 3.29 -21.36 -22.20
CA ILE D 166 4.71 -21.07 -22.44
C ILE D 166 4.88 -20.54 -23.87
N GLU D 167 4.21 -21.17 -24.85
CA GLU D 167 4.26 -20.72 -26.25
C GLU D 167 3.80 -19.25 -26.34
N LEU D 168 2.70 -18.93 -25.64
CA LEU D 168 2.15 -17.57 -25.70
C LEU D 168 3.14 -16.59 -25.07
N ILE D 169 3.70 -16.95 -23.92
CA ILE D 169 4.71 -16.07 -23.28
C ILE D 169 5.84 -15.78 -24.24
N LYS D 170 6.39 -16.80 -24.89
CA LYS D 170 7.50 -16.58 -25.82
C LYS D 170 7.11 -15.57 -26.91
N SER D 171 5.88 -15.68 -27.44
CA SER D 171 5.44 -14.73 -28.49
C SER D 171 5.28 -13.32 -27.90
N ILE D 172 4.83 -13.22 -26.66
CA ILE D 172 4.59 -11.91 -25.99
C ILE D 172 5.92 -11.23 -25.70
N ILE D 173 6.85 -11.94 -25.09
CA ILE D 173 8.10 -11.29 -24.64
C ILE D 173 9.01 -11.04 -25.85
N THR D 174 8.79 -11.72 -26.97
CA THR D 174 9.52 -11.45 -28.26
C THR D 174 9.07 -10.12 -28.85
N VAL D 175 7.77 -9.80 -28.78
CA VAL D 175 7.14 -8.55 -29.32
C VAL D 175 7.55 -7.35 -28.46
N LYS D 176 7.62 -7.56 -27.15
CA LYS D 176 8.21 -6.58 -26.22
C LYS D 176 9.63 -6.23 -26.73
N LEU D 177 10.42 -7.24 -27.08
CA LEU D 177 11.78 -7.08 -27.67
C LEU D 177 11.69 -6.84 -29.17
N1 IMD E . -16.47 19.07 6.47
C2 IMD E . -15.91 19.21 5.26
N3 IMD E . -16.66 20.08 4.58
C4 IMD E . -17.76 20.42 5.33
C5 IMD E . -17.69 19.70 6.46
CL CL F . -0.91 3.34 14.98
CL CL G . -6.34 -0.24 13.76
CL CL H . 5.22 7.21 17.89
N1 IMD I . 17.82 -20.84 20.99
C2 IMD I . 17.74 -19.52 21.26
N3 IMD I . 18.25 -18.82 19.98
C4 IMD I . 17.55 -19.65 18.77
C5 IMD I . 17.97 -21.06 19.55
CL CL J . 13.42 5.92 -3.16
CL CL K . 10.96 3.91 -9.10
CL CL L . 17.45 8.92 2.52
CL CL M . -9.61 5.73 -10.39
CL CL N . -5.80 10.82 -8.58
CL CL O . -14.00 0.57 -13.76
CL CL P . -9.01 -17.01 -6.28
#